data_5W16
#
_entry.id   5W16
#
_cell.length_a   81.677
_cell.length_b   96.728
_cell.length_c   179.066
_cell.angle_alpha   90.00
_cell.angle_beta   90.00
_cell.angle_gamma   90.00
#
_symmetry.space_group_name_H-M   'P 21 21 21'
#
loop_
_entity.id
_entity.type
_entity.pdbx_description
1 polymer 'Glutamate racemase'
2 non-polymer 'D-GLUTAMIC ACID'
3 non-polymer 'NITRATE ION'
4 non-polymer 'CHLORIDE ION'
5 water water
#
_entity_poly.entity_id   1
_entity_poly.type   'polypeptide(L)'
_entity_poly.pdbx_seq_one_letter_code
;MGSSHHHHHHSSGLVPRGSHMVKDPKAPIGVFDSGVGGLTVLKALRRLLPREEFLYFGDTARVPYGGKPLAMVRRFAWEI
AGFLLRQGVKAIVVACNTASSAALPDLAEDLSVPVFGVVEPAARAARGFRKVGLIGTQATVESGAYPRYVDLAWAKACPL
FVPLVEEGLWDDPVALLVARHYLEDAPKDLEALILGCTHYPFLKGAIGAVLPGVALLDSAELTAQEVARALEAEGLLNPE
GRGRTFHLVTGDPEAYRALAERLGERVEAVRRVSLEEL
;
_entity_poly.pdbx_strand_id   A,B,C,D
#
loop_
_chem_comp.id
_chem_comp.type
_chem_comp.name
_chem_comp.formula
CL non-polymer 'CHLORIDE ION' 'Cl -1'
NO3 non-polymer 'NITRATE ION' 'N O3 -1'
#
# COMPACT_ATOMS: atom_id res chain seq x y z
N LYS A 23 -25.13 10.73 21.05
CA LYS A 23 -25.05 9.27 21.02
C LYS A 23 -26.37 8.69 20.48
N ASP A 24 -26.26 7.60 19.74
CA ASP A 24 -27.42 6.97 19.10
C ASP A 24 -27.39 5.45 19.35
N PRO A 25 -28.34 4.89 20.11
CA PRO A 25 -28.31 3.43 20.33
C PRO A 25 -28.75 2.60 19.14
N LYS A 26 -29.34 3.17 18.10
CA LYS A 26 -29.59 2.35 16.92
C LYS A 26 -28.32 2.13 16.07
N ALA A 27 -27.22 2.82 16.35
CA ALA A 27 -25.96 2.62 15.62
C ALA A 27 -25.35 1.23 15.90
N PRO A 28 -24.60 0.68 14.96
CA PRO A 28 -24.05 -0.66 15.15
C PRO A 28 -22.81 -0.65 16.06
N ILE A 29 -22.51 -1.84 16.59
CA ILE A 29 -21.28 -2.13 17.30
C ILE A 29 -20.30 -2.76 16.30
N GLY A 30 -19.07 -2.25 16.27
CA GLY A 30 -18.07 -2.80 15.36
C GLY A 30 -17.25 -3.87 16.08
N VAL A 31 -17.02 -4.99 15.39
CA VAL A 31 -16.21 -6.08 15.93
C VAL A 31 -15.19 -6.47 14.88
N PHE A 32 -13.91 -6.51 15.25
CA PHE A 32 -12.94 -6.87 14.23
C PHE A 32 -11.93 -7.89 14.68
N ASP A 33 -11.47 -8.65 13.69
CA ASP A 33 -10.56 -9.76 13.88
C ASP A 33 -9.79 -9.92 12.60
N SER A 34 -8.79 -10.78 12.64
CA SER A 34 -8.04 -11.12 11.43
C SER A 34 -8.85 -11.98 10.48
N GLY A 35 -9.93 -12.61 10.97
CA GLY A 35 -10.58 -13.61 10.13
C GLY A 35 -11.85 -14.24 10.72
N VAL A 36 -12.00 -15.56 10.60
CA VAL A 36 -13.20 -16.24 11.11
C VAL A 36 -13.12 -16.53 12.61
N GLY A 37 -11.92 -16.59 13.19
CA GLY A 37 -11.82 -16.99 14.58
C GLY A 37 -12.61 -16.09 15.50
N GLY A 38 -12.62 -14.81 15.19
CA GLY A 38 -13.30 -13.84 16.01
C GLY A 38 -14.81 -14.05 16.13
N LEU A 39 -15.38 -14.99 15.36
CA LEU A 39 -16.82 -15.26 15.45
C LEU A 39 -17.18 -15.85 16.80
N THR A 40 -16.22 -16.45 17.51
CA THR A 40 -16.49 -16.85 18.89
C THR A 40 -16.89 -15.66 19.73
N VAL A 41 -16.24 -14.49 19.52
CA VAL A 41 -16.58 -13.30 20.29
C VAL A 41 -17.90 -12.74 19.80
N LEU A 42 -18.13 -12.68 18.48
CA LEU A 42 -19.40 -12.20 17.94
C LEU A 42 -20.58 -13.02 18.46
N LYS A 43 -20.44 -14.33 18.48
CA LYS A 43 -21.53 -15.20 18.95
C LYS A 43 -21.89 -14.92 20.42
N ALA A 44 -20.88 -14.86 21.29
CA ALA A 44 -21.13 -14.53 22.69
C ALA A 44 -21.79 -13.18 22.83
N LEU A 45 -21.31 -12.20 22.09
CA LEU A 45 -21.87 -10.86 22.13
C LEU A 45 -23.34 -10.87 21.72
N ARG A 46 -23.64 -11.57 20.65
CA ARG A 46 -24.98 -11.61 20.13
C ARG A 46 -25.93 -12.38 21.06
N ARG A 47 -25.43 -13.40 21.75
CA ARG A 47 -26.26 -14.10 22.74
C ARG A 47 -26.67 -13.16 23.87
N LEU A 48 -25.75 -12.32 24.34
CA LEU A 48 -26.10 -11.38 25.38
C LEU A 48 -26.83 -10.15 24.88
N LEU A 49 -26.71 -9.80 23.62
CA LEU A 49 -27.18 -8.52 23.09
C LEU A 49 -27.97 -8.75 21.81
N PRO A 50 -29.09 -9.46 21.89
CA PRO A 50 -29.80 -9.86 20.66
C PRO A 50 -30.46 -8.72 19.94
N ARG A 51 -30.53 -7.53 20.52
CA ARG A 51 -31.12 -6.40 19.82
C ARG A 51 -30.09 -5.55 19.06
N GLU A 52 -28.80 -5.76 19.31
CA GLU A 52 -27.75 -4.90 18.75
C GLU A 52 -27.44 -5.28 17.31
N GLU A 53 -27.16 -4.25 16.51
CA GLU A 53 -26.67 -4.49 15.15
C GLU A 53 -25.14 -4.54 15.24
N PHE A 54 -24.54 -5.54 14.60
CA PHE A 54 -23.10 -5.75 14.57
C PHE A 54 -22.55 -5.64 13.16
N LEU A 55 -21.37 -4.99 13.04
CA LEU A 55 -20.56 -5.01 11.83
C LEU A 55 -19.35 -5.83 12.23
N TYR A 56 -19.24 -7.01 11.65
CA TYR A 56 -18.09 -7.87 11.92
C TYR A 56 -17.10 -7.76 10.76
N PHE A 57 -15.87 -7.35 11.09
CA PHE A 57 -14.84 -7.08 10.10
C PHE A 57 -13.75 -8.15 10.25
N GLY A 58 -13.57 -8.95 9.20
CA GLY A 58 -12.52 -9.94 9.16
C GLY A 58 -11.46 -9.66 8.11
N ASP A 59 -10.23 -9.41 8.56
CA ASP A 59 -9.12 -8.95 7.71
C ASP A 59 -8.45 -10.14 7.03
N THR A 60 -9.26 -10.90 6.29
CA THR A 60 -8.75 -12.17 5.79
C THR A 60 -7.72 -11.97 4.68
N ALA A 61 -7.55 -10.78 4.16
CA ALA A 61 -6.48 -10.61 3.19
C ALA A 61 -5.11 -10.70 3.85
N ARG A 62 -5.03 -10.45 5.17
CA ARG A 62 -3.76 -10.35 5.88
C ARG A 62 -3.72 -11.31 7.07
N VAL A 63 -4.67 -12.23 7.15
CA VAL A 63 -4.63 -13.25 8.21
C VAL A 63 -3.47 -14.21 7.88
N PRO A 64 -2.73 -14.76 8.87
CA PRO A 64 -2.86 -14.51 10.31
C PRO A 64 -1.98 -13.40 10.82
N TYR A 65 -2.42 -12.85 11.94
CA TYR A 65 -1.64 -11.86 12.67
C TYR A 65 -0.57 -12.43 13.63
N GLY A 66 -0.72 -13.66 14.08
CA GLY A 66 0.06 -14.13 15.21
C GLY A 66 1.56 -14.19 14.97
N GLY A 67 1.98 -14.41 13.72
CA GLY A 67 3.37 -14.36 13.35
C GLY A 67 3.88 -13.09 12.71
N LYS A 68 3.10 -11.99 12.74
CA LYS A 68 3.55 -10.69 12.22
C LYS A 68 4.17 -9.84 13.31
N PRO A 69 4.99 -8.86 12.95
CA PRO A 69 5.50 -7.89 13.92
C PRO A 69 4.35 -7.16 14.61
N LEU A 70 4.46 -7.04 15.93
CA LEU A 70 3.41 -6.38 16.70
C LEU A 70 3.11 -4.98 16.18
N ALA A 71 4.14 -4.24 15.75
CA ALA A 71 3.90 -2.89 15.28
C ALA A 71 3.12 -2.89 13.97
N MET A 72 3.26 -3.94 13.17
CA MET A 72 2.47 -4.03 11.95
C MET A 72 0.99 -4.28 12.30
N VAL A 73 0.73 -5.22 13.22
CA VAL A 73 -0.65 -5.47 13.66
C VAL A 73 -1.24 -4.20 14.28
N ARG A 74 -0.44 -3.43 15.00
CA ARG A 74 -0.95 -2.20 15.60
C ARG A 74 -1.43 -1.23 14.53
N ARG A 75 -0.72 -1.16 13.41
CA ARG A 75 -1.14 -0.26 12.35
C ARG A 75 -2.40 -0.76 11.65
N PHE A 76 -2.53 -2.10 11.49
CA PHE A 76 -3.78 -2.67 10.97
C PHE A 76 -4.95 -2.26 11.85
N ALA A 77 -4.79 -2.40 13.16
CA ALA A 77 -5.88 -2.05 14.06
C ALA A 77 -6.32 -0.59 13.90
N TRP A 78 -5.37 0.31 13.77
CA TRP A 78 -5.70 1.73 13.59
C TRP A 78 -6.51 1.96 12.32
N GLU A 79 -6.04 1.40 11.21
CA GLU A 79 -6.71 1.42 9.92
C GLU A 79 -8.15 0.89 9.99
N ILE A 80 -8.30 -0.29 10.60
CA ILE A 80 -9.63 -0.88 10.65
C ILE A 80 -10.55 -0.08 11.57
N ALA A 81 -10.03 0.44 12.68
CA ALA A 81 -10.88 1.26 13.55
C ALA A 81 -11.39 2.48 12.81
N GLY A 82 -10.53 3.12 12.00
CA GLY A 82 -10.96 4.26 11.22
C GLY A 82 -12.08 3.92 10.24
N PHE A 83 -11.94 2.79 9.56
CA PHE A 83 -12.98 2.34 8.65
C PHE A 83 -14.31 2.15 9.39
N LEU A 84 -14.26 1.48 10.54
CA LEU A 84 -15.48 1.22 11.30
C LEU A 84 -16.12 2.50 11.75
N LEU A 85 -15.30 3.47 12.17
CA LEU A 85 -15.80 4.77 12.57
C LEU A 85 -16.45 5.48 11.40
N ARG A 86 -15.90 5.32 10.19
CA ARG A 86 -16.57 5.91 9.04
C ARG A 86 -17.91 5.24 8.73
N GLN A 87 -18.15 4.02 9.22
CA GLN A 87 -19.44 3.36 9.10
C GLN A 87 -20.44 3.79 10.16
N GLY A 88 -20.01 4.55 11.14
CA GLY A 88 -20.92 5.07 12.15
C GLY A 88 -21.06 4.25 13.41
N VAL A 89 -20.08 3.41 13.78
CA VAL A 89 -20.25 2.55 14.95
C VAL A 89 -20.30 3.39 16.21
N LYS A 90 -20.95 2.85 17.23
CA LYS A 90 -21.01 3.52 18.52
C LYS A 90 -20.05 2.91 19.52
N ALA A 91 -19.37 1.84 19.14
CA ALA A 91 -18.37 1.20 19.97
C ALA A 91 -17.58 0.23 19.09
N ILE A 92 -16.37 -0.11 19.55
CA ILE A 92 -15.50 -1.04 18.85
C ILE A 92 -15.07 -2.16 19.78
N VAL A 93 -15.20 -3.40 19.32
CA VAL A 93 -14.67 -4.56 20.03
C VAL A 93 -13.53 -5.12 19.20
N VAL A 94 -12.36 -5.21 19.82
CA VAL A 94 -11.20 -5.88 19.21
C VAL A 94 -11.29 -7.35 19.62
N ALA A 95 -11.82 -8.18 18.72
CA ALA A 95 -12.07 -9.58 19.06
C ALA A 95 -10.79 -10.40 19.09
N CYS A 96 -9.82 -9.99 18.29
CA CYS A 96 -8.54 -10.65 18.17
C CYS A 96 -7.66 -10.43 19.40
N ASN A 97 -7.12 -11.51 19.96
CA ASN A 97 -6.18 -11.35 21.06
C ASN A 97 -4.84 -10.78 20.59
N THR A 98 -4.38 -11.12 19.39
CA THR A 98 -3.15 -10.52 18.88
C THR A 98 -3.32 -9.02 18.66
N ALA A 99 -4.39 -8.60 17.98
CA ALA A 99 -4.58 -7.16 17.78
C ALA A 99 -4.82 -6.42 19.10
N SER A 100 -5.56 -7.01 20.05
CA SER A 100 -5.68 -6.38 21.38
C SER A 100 -4.32 -6.22 22.02
N SER A 101 -3.50 -7.25 21.93
CA SER A 101 -2.18 -7.20 22.54
C SER A 101 -1.33 -6.12 21.91
N ALA A 102 -1.47 -5.94 20.61
CA ALA A 102 -0.69 -4.95 19.88
C ALA A 102 -1.19 -3.53 20.08
N ALA A 103 -2.51 -3.34 20.24
CA ALA A 103 -3.10 -2.02 20.04
C ALA A 103 -3.73 -1.43 21.27
N LEU A 104 -4.05 -2.23 22.24
CA LEU A 104 -4.65 -1.76 23.48
C LEU A 104 -3.61 -1.74 24.58
N PRO A 105 -3.73 -0.83 25.57
CA PRO A 105 -4.85 0.09 25.81
C PRO A 105 -4.85 1.35 24.96
N ASP A 106 -3.81 1.57 24.17
CA ASP A 106 -3.65 2.90 23.56
C ASP A 106 -4.82 3.26 22.64
N LEU A 107 -5.36 2.27 21.93
CA LEU A 107 -6.46 2.53 21.01
C LEU A 107 -7.68 3.01 21.74
N ALA A 108 -7.94 2.45 22.90
CA ALA A 108 -9.06 2.94 23.72
C ALA A 108 -8.78 4.34 24.29
N GLU A 109 -7.54 4.62 24.70
CA GLU A 109 -7.22 5.97 25.16
C GLU A 109 -7.34 6.99 24.04
N ASP A 110 -7.01 6.61 22.82
CA ASP A 110 -6.95 7.60 21.74
C ASP A 110 -8.28 7.89 21.09
N LEU A 111 -9.25 6.98 21.22
CA LEU A 111 -10.52 7.12 20.52
C LEU A 111 -11.64 7.51 21.49
N SER A 112 -12.62 8.28 20.98
CA SER A 112 -13.74 8.75 21.79
C SER A 112 -14.81 7.68 22.05
N VAL A 113 -15.17 6.87 21.07
CA VAL A 113 -16.11 5.77 21.30
C VAL A 113 -15.53 4.76 22.28
N PRO A 114 -16.38 4.05 23.03
CA PRO A 114 -15.91 2.92 23.83
C PRO A 114 -15.22 1.90 22.94
N VAL A 115 -14.04 1.48 23.40
CA VAL A 115 -13.21 0.47 22.74
C VAL A 115 -12.94 -0.65 23.74
N PHE A 116 -13.26 -1.87 23.33
CA PHE A 116 -13.09 -3.03 24.18
C PHE A 116 -12.19 -4.03 23.49
N GLY A 117 -11.36 -4.70 24.29
CA GLY A 117 -10.57 -5.80 23.80
C GLY A 117 -10.78 -7.08 24.60
N VAL A 118 -10.00 -8.11 24.22
CA VAL A 118 -10.15 -9.47 24.78
C VAL A 118 -9.03 -9.83 25.74
N VAL A 119 -8.13 -8.92 26.06
CA VAL A 119 -7.06 -9.18 27.03
C VAL A 119 -7.56 -8.87 28.45
N GLU A 120 -8.06 -7.65 28.68
CA GLU A 120 -8.31 -7.20 30.04
C GLU A 120 -9.38 -8.01 30.75
N PRO A 121 -10.53 -8.32 30.15
CA PRO A 121 -11.56 -9.05 30.92
C PRO A 121 -11.09 -10.40 31.44
N ALA A 122 -10.34 -11.16 30.65
CA ALA A 122 -9.87 -12.45 31.16
C ALA A 122 -8.73 -12.29 32.15
N ALA A 123 -7.84 -11.31 31.94
CA ALA A 123 -6.80 -11.05 32.93
C ALA A 123 -7.40 -10.67 34.28
N ARG A 124 -8.51 -9.92 34.25
CA ARG A 124 -9.22 -9.51 35.46
C ARG A 124 -9.77 -10.72 36.19
N ALA A 125 -10.43 -11.62 35.47
CA ALA A 125 -10.95 -12.84 36.07
C ALA A 125 -9.82 -13.69 36.64
N ALA A 126 -8.63 -13.57 36.04
CA ALA A 126 -7.53 -14.44 36.41
C ALA A 126 -6.89 -14.01 37.70
N ARG A 127 -6.99 -12.71 38.04
CA ARG A 127 -6.42 -12.23 39.30
C ARG A 127 -7.08 -12.87 40.53
N GLY A 128 -8.21 -13.57 40.37
CA GLY A 128 -8.81 -14.35 41.45
C GLY A 128 -8.26 -15.77 41.60
N PHE A 129 -7.01 -15.99 41.17
CA PHE A 129 -6.36 -17.28 41.27
C PHE A 129 -4.89 -17.03 41.58
N ARG A 130 -4.25 -18.02 42.22
CA ARG A 130 -2.86 -17.83 42.63
C ARG A 130 -1.89 -18.07 41.48
N LYS A 131 -2.15 -19.08 40.66
CA LYS A 131 -1.20 -19.53 39.64
C LYS A 131 -1.91 -19.54 38.29
N VAL A 132 -1.50 -18.65 37.39
CA VAL A 132 -2.22 -18.42 36.13
C VAL A 132 -1.29 -18.67 34.95
N GLY A 133 -1.79 -19.41 33.96
CA GLY A 133 -1.09 -19.59 32.71
C GLY A 133 -1.77 -18.84 31.56
N LEU A 134 -1.03 -18.71 30.46
CA LEU A 134 -1.54 -18.12 29.23
C LEU A 134 -1.09 -18.92 28.02
N ILE A 135 -2.03 -19.24 27.13
CA ILE A 135 -1.70 -19.74 25.80
C ILE A 135 -2.24 -18.75 24.76
N GLY A 136 -1.54 -18.63 23.64
CA GLY A 136 -1.97 -17.72 22.59
C GLY A 136 -1.01 -17.78 21.42
N THR A 137 -1.10 -16.78 20.53
CA THR A 137 -0.15 -16.75 19.42
C THR A 137 1.20 -16.29 19.94
N GLN A 138 2.22 -16.50 19.10
CA GLN A 138 3.54 -15.93 19.35
C GLN A 138 3.50 -14.43 19.66
N ALA A 139 2.82 -13.65 18.80
CA ALA A 139 2.72 -12.21 19.04
C ALA A 139 2.10 -11.93 20.40
N THR A 140 1.02 -12.63 20.74
CA THR A 140 0.36 -12.36 22.02
C THR A 140 1.27 -12.70 23.21
N VAL A 141 1.91 -13.86 23.20
CA VAL A 141 2.69 -14.20 24.39
C VAL A 141 3.92 -13.32 24.49
N GLU A 142 4.54 -12.94 23.37
CA GLU A 142 5.75 -12.12 23.46
C GLU A 142 5.46 -10.63 23.64
N SER A 143 4.20 -10.20 23.49
CA SER A 143 3.89 -8.79 23.67
C SER A 143 4.01 -8.31 25.11
N GLY A 144 3.89 -9.19 26.09
CA GLY A 144 3.72 -8.70 27.43
C GLY A 144 2.42 -7.95 27.72
N ALA A 145 1.38 -8.10 26.89
CA ALA A 145 0.13 -7.42 27.20
C ALA A 145 -0.57 -8.03 28.43
N TYR A 146 -0.56 -9.36 28.57
CA TYR A 146 -1.28 -9.93 29.71
C TYR A 146 -0.59 -9.62 31.05
N PRO A 147 0.74 -9.65 31.13
CA PRO A 147 1.42 -9.31 32.39
C PRO A 147 1.16 -7.91 32.89
N ARG A 148 0.78 -6.99 32.01
CA ARG A 148 0.39 -5.66 32.47
C ARG A 148 -0.82 -5.72 33.40
N TYR A 149 -1.63 -6.76 33.29
CA TYR A 149 -2.88 -6.83 34.05
C TYR A 149 -2.94 -7.97 35.04
N VAL A 150 -2.11 -9.00 34.90
CA VAL A 150 -2.16 -10.16 35.79
C VAL A 150 -0.80 -10.82 35.75
N ASP A 151 -0.36 -11.31 36.90
CA ASP A 151 0.94 -11.97 37.00
C ASP A 151 0.83 -13.40 36.53
N LEU A 152 1.75 -13.79 35.66
CA LEU A 152 1.70 -15.09 35.00
C LEU A 152 2.78 -16.01 35.55
N ALA A 153 2.41 -17.26 35.80
CA ALA A 153 3.38 -18.29 36.15
C ALA A 153 3.95 -19.01 34.95
N TRP A 154 3.27 -18.98 33.81
CA TRP A 154 3.64 -19.78 32.66
C TRP A 154 2.93 -19.20 31.44
N ALA A 155 3.65 -19.12 30.33
CA ALA A 155 3.07 -18.63 29.08
C ALA A 155 3.66 -19.42 27.93
N LYS A 156 2.81 -19.87 27.01
CA LYS A 156 3.26 -20.69 25.91
C LYS A 156 2.55 -20.32 24.62
N ALA A 157 3.31 -20.04 23.59
CA ALA A 157 2.69 -19.89 22.27
C ALA A 157 2.34 -21.27 21.69
N CYS A 158 1.16 -21.39 21.09
CA CYS A 158 0.64 -22.65 20.57
C CYS A 158 0.28 -22.54 19.09
N PRO A 159 1.27 -22.37 18.21
CA PRO A 159 0.94 -22.09 16.80
C PRO A 159 0.01 -23.08 16.13
N LEU A 160 0.10 -24.41 16.37
CA LEU A 160 -0.76 -25.31 15.60
C LEU A 160 -2.23 -25.24 16.01
N PHE A 161 -2.56 -24.64 17.15
CA PHE A 161 -3.96 -24.67 17.57
C PHE A 161 -4.87 -24.01 16.52
N VAL A 162 -4.44 -22.89 15.95
CA VAL A 162 -5.35 -22.17 15.05
C VAL A 162 -5.65 -23.00 13.82
N PRO A 163 -4.64 -23.52 13.12
CA PRO A 163 -4.94 -24.35 11.95
C PRO A 163 -5.67 -25.65 12.30
N LEU A 164 -5.41 -26.24 13.46
CA LEU A 164 -6.22 -27.39 13.88
C LEU A 164 -7.70 -27.07 13.91
N VAL A 165 -8.05 -25.89 14.42
CA VAL A 165 -9.45 -25.51 14.54
C VAL A 165 -10.03 -25.23 13.18
N GLU A 166 -9.31 -24.45 12.36
CA GLU A 166 -9.82 -24.12 11.04
C GLU A 166 -9.99 -25.35 10.15
N GLU A 167 -9.20 -26.39 10.38
CA GLU A 167 -9.42 -27.66 9.67
C GLU A 167 -10.52 -28.52 10.29
N GLY A 168 -11.12 -28.08 11.40
CA GLY A 168 -12.23 -28.80 12.00
C GLY A 168 -11.85 -30.03 12.80
N LEU A 169 -10.67 -30.05 13.43
CA LEU A 169 -10.14 -31.25 14.06
C LEU A 169 -10.10 -31.17 15.58
N TRP A 170 -10.91 -30.32 16.17
CA TRP A 170 -10.79 -30.12 17.60
C TRP A 170 -11.23 -31.34 18.41
N ASP A 171 -12.06 -32.22 17.84
CA ASP A 171 -12.47 -33.44 18.53
C ASP A 171 -11.65 -34.66 18.11
N ASP A 172 -10.69 -34.50 17.21
CA ASP A 172 -9.89 -35.60 16.74
C ASP A 172 -8.80 -35.93 17.77
N PRO A 173 -8.30 -37.17 17.79
CA PRO A 173 -7.17 -37.46 18.67
C PRO A 173 -5.92 -36.63 18.37
N VAL A 174 -5.70 -36.15 17.13
CA VAL A 174 -4.53 -35.28 16.87
C VAL A 174 -4.58 -34.06 17.76
N ALA A 175 -5.78 -33.54 18.03
CA ALA A 175 -5.88 -32.39 18.90
C ALA A 175 -5.40 -32.72 20.31
N LEU A 176 -5.73 -33.92 20.80
CA LEU A 176 -5.23 -34.32 22.10
C LEU A 176 -3.72 -34.41 22.07
N LEU A 177 -3.15 -34.99 21.01
CA LEU A 177 -1.71 -35.14 20.94
C LEU A 177 -1.01 -33.79 20.84
N VAL A 178 -1.56 -32.88 20.07
CA VAL A 178 -0.96 -31.54 19.98
C VAL A 178 -1.15 -30.78 21.29
N ALA A 179 -2.32 -30.88 21.92
CA ALA A 179 -2.50 -30.28 23.24
C ALA A 179 -1.43 -30.75 24.20
N ARG A 180 -1.18 -32.08 24.21
CA ARG A 180 -0.14 -32.62 25.09
C ARG A 180 1.20 -32.04 24.77
N HIS A 181 1.54 -32.01 23.47
CA HIS A 181 2.78 -31.41 23.03
C HIS A 181 2.99 -30.01 23.60
N TYR A 182 1.94 -29.18 23.62
CA TYR A 182 2.14 -27.81 24.08
C TYR A 182 2.01 -27.65 25.58
N LEU A 183 1.15 -28.44 26.23
CA LEU A 183 0.72 -28.14 27.59
C LEU A 183 1.35 -29.04 28.66
N GLU A 184 2.07 -30.08 28.25
CA GLU A 184 2.63 -31.06 29.19
C GLU A 184 3.54 -30.39 30.20
N ASP A 185 4.40 -29.47 29.76
CA ASP A 185 5.36 -28.86 30.66
C ASP A 185 4.78 -27.70 31.47
N ALA A 186 3.46 -27.54 31.47
CA ALA A 186 2.88 -26.51 32.30
C ALA A 186 3.02 -26.90 33.78
N PRO A 187 3.09 -25.91 34.68
CA PRO A 187 3.22 -26.22 36.12
C PRO A 187 2.04 -26.99 36.64
N LYS A 188 2.32 -28.03 37.44
CA LYS A 188 1.24 -28.87 37.95
C LYS A 188 0.40 -28.17 39.03
N ASP A 189 0.87 -27.06 39.59
CA ASP A 189 0.07 -26.28 40.54
C ASP A 189 -0.78 -25.20 39.84
N LEU A 190 -1.01 -25.33 38.54
CA LEU A 190 -1.71 -24.28 37.81
C LEU A 190 -3.21 -24.30 38.16
N GLU A 191 -3.76 -23.14 38.50
CA GLU A 191 -5.19 -23.08 38.80
C GLU A 191 -6.04 -22.61 37.65
N ALA A 192 -5.55 -21.70 36.80
CA ALA A 192 -6.37 -21.20 35.72
C ALA A 192 -5.50 -21.03 34.49
N LEU A 193 -6.13 -21.19 33.32
CA LEU A 193 -5.45 -20.99 32.05
C LEU A 193 -6.27 -20.01 31.23
N ILE A 194 -5.62 -18.93 30.80
CA ILE A 194 -6.26 -17.97 29.89
C ILE A 194 -6.15 -18.51 28.47
N LEU A 195 -7.31 -18.73 27.84
CA LEU A 195 -7.42 -19.12 26.44
C LEU A 195 -7.26 -17.86 25.57
N GLY A 196 -6.01 -17.44 25.41
CA GLY A 196 -5.71 -16.13 24.86
C GLY A 196 -5.68 -16.06 23.35
N CYS A 197 -6.68 -16.64 22.69
CA CYS A 197 -6.72 -16.67 21.24
C CYS A 197 -8.17 -16.92 20.83
N THR A 198 -8.63 -16.25 19.76
CA THR A 198 -10.02 -16.34 19.32
C THR A 198 -10.46 -17.79 19.09
N HIS A 199 -9.54 -18.66 18.66
CA HIS A 199 -9.94 -19.97 18.19
C HIS A 199 -10.07 -20.99 19.32
N TYR A 200 -9.50 -20.70 20.47
CA TYR A 200 -9.29 -21.74 21.48
C TYR A 200 -10.54 -22.22 22.21
N PRO A 201 -11.67 -21.49 22.25
CA PRO A 201 -12.88 -22.11 22.83
C PRO A 201 -13.28 -23.40 22.12
N PHE A 202 -12.96 -23.56 20.84
CA PHE A 202 -13.26 -24.82 20.16
C PHE A 202 -12.42 -25.98 20.70
N LEU A 203 -11.36 -25.70 21.44
CA LEU A 203 -10.44 -26.71 21.93
C LEU A 203 -10.61 -26.97 23.42
N LYS A 204 -11.70 -26.48 24.00
CA LYS A 204 -11.94 -26.65 25.43
C LYS A 204 -11.88 -28.12 25.82
N GLY A 205 -12.51 -29.00 25.03
CA GLY A 205 -12.53 -30.43 25.34
C GLY A 205 -11.11 -30.96 25.48
N ALA A 206 -10.32 -30.81 24.41
CA ALA A 206 -8.99 -31.38 24.41
C ALA A 206 -8.12 -30.77 25.49
N ILE A 207 -8.12 -29.44 25.61
CA ILE A 207 -7.26 -28.77 26.58
C ILE A 207 -7.66 -29.17 27.99
N GLY A 208 -8.96 -29.26 28.24
CA GLY A 208 -9.44 -29.69 29.54
C GLY A 208 -9.04 -31.13 29.85
N ALA A 209 -9.10 -32.01 28.85
CA ALA A 209 -8.64 -33.39 29.04
C ALA A 209 -7.20 -33.44 29.53
N VAL A 210 -6.31 -32.63 28.94
CA VAL A 210 -4.89 -32.65 29.24
C VAL A 210 -4.56 -31.89 30.50
N LEU A 211 -5.43 -30.99 30.95
CA LEU A 211 -5.20 -30.20 32.16
C LEU A 211 -6.43 -30.28 33.06
N PRO A 212 -6.77 -31.48 33.54
CA PRO A 212 -7.97 -31.62 34.39
C PRO A 212 -7.85 -30.73 35.64
N GLY A 213 -8.99 -30.17 36.05
CA GLY A 213 -9.00 -29.32 37.24
C GLY A 213 -8.50 -27.89 37.08
N VAL A 214 -7.95 -27.51 35.92
CA VAL A 214 -7.53 -26.14 35.67
C VAL A 214 -8.70 -25.36 35.08
N ALA A 215 -9.02 -24.21 35.67
CA ALA A 215 -10.11 -23.41 35.15
C ALA A 215 -9.68 -22.77 33.82
N LEU A 216 -10.49 -22.93 32.79
CA LEU A 216 -10.21 -22.38 31.46
C LEU A 216 -10.96 -21.05 31.30
N LEU A 217 -10.22 -19.96 31.21
CA LEU A 217 -10.82 -18.64 31.08
C LEU A 217 -10.97 -18.29 29.59
N ASP A 218 -12.21 -18.13 29.15
CA ASP A 218 -12.60 -18.00 27.74
C ASP A 218 -12.72 -16.51 27.40
N SER A 219 -11.93 -16.05 26.43
CA SER A 219 -11.88 -14.62 26.10
C SER A 219 -13.23 -14.11 25.59
N ALA A 220 -13.92 -14.92 24.79
CA ALA A 220 -15.18 -14.46 24.17
C ALA A 220 -16.24 -14.15 25.22
N GLU A 221 -16.42 -15.09 26.15
CA GLU A 221 -17.51 -14.96 27.11
C GLU A 221 -17.25 -13.82 28.07
N LEU A 222 -16.02 -13.72 28.60
CA LEU A 222 -15.73 -12.68 29.56
C LEU A 222 -15.77 -11.30 28.91
N THR A 223 -15.29 -11.18 27.65
CA THR A 223 -15.36 -9.87 26.98
C THR A 223 -16.78 -9.47 26.71
N ALA A 224 -17.60 -10.41 26.21
CA ALA A 224 -19.01 -10.11 25.94
C ALA A 224 -19.72 -9.62 27.20
N GLN A 225 -19.40 -10.20 28.33
CA GLN A 225 -19.96 -9.82 29.57
C GLN A 225 -19.60 -8.37 29.85
N GLU A 226 -18.35 -8.03 29.71
CA GLU A 226 -17.89 -6.66 29.95
C GLU A 226 -18.53 -5.68 28.96
N VAL A 227 -18.60 -6.04 27.68
CA VAL A 227 -19.19 -5.10 26.72
C VAL A 227 -20.63 -4.79 27.11
N ALA A 228 -21.37 -5.83 27.46
CA ALA A 228 -22.78 -5.62 27.80
C ALA A 228 -22.90 -4.78 29.07
N ARG A 229 -22.05 -5.05 30.06
CA ARG A 229 -22.00 -4.29 31.30
C ARG A 229 -21.70 -2.83 31.02
N ALA A 230 -20.59 -2.57 30.34
CA ALA A 230 -20.13 -1.19 30.12
C ALA A 230 -21.12 -0.40 29.28
N LEU A 231 -21.64 -1.02 28.21
CA LEU A 231 -22.52 -0.29 27.32
C LEU A 231 -23.83 0.07 28.04
N GLU A 232 -24.37 -0.85 28.85
CA GLU A 232 -25.58 -0.54 29.60
C GLU A 232 -25.33 0.64 30.54
N ALA A 233 -24.21 0.60 31.27
CA ALA A 233 -23.85 1.68 32.18
C ALA A 233 -23.72 3.03 31.47
N GLU A 234 -23.29 3.01 30.22
CA GLU A 234 -23.18 4.25 29.46
C GLU A 234 -24.49 4.65 28.82
N GLY A 235 -25.54 3.86 28.98
CA GLY A 235 -26.79 4.17 28.29
C GLY A 235 -26.71 4.08 26.79
N LEU A 236 -25.89 3.18 26.25
CA LEU A 236 -25.71 3.03 24.82
C LEU A 236 -26.42 1.82 24.22
N LEU A 237 -27.09 0.97 25.01
CA LEU A 237 -27.80 -0.17 24.40
C LEU A 237 -29.14 0.22 23.79
N ASN A 238 -29.51 -0.52 22.76
CA ASN A 238 -30.79 -0.29 22.11
C ASN A 238 -31.84 -1.15 22.79
N PRO A 239 -32.81 -0.54 23.50
CA PRO A 239 -33.82 -1.33 24.24
C PRO A 239 -34.90 -1.92 23.36
N GLU A 240 -35.02 -1.49 22.11
CA GLU A 240 -36.05 -2.00 21.21
C GLU A 240 -35.42 -2.64 19.98
N GLY A 241 -36.24 -3.34 19.21
CA GLY A 241 -35.74 -3.85 17.94
C GLY A 241 -34.85 -5.08 18.08
N ARG A 242 -34.45 -5.60 16.91
CA ARG A 242 -33.93 -6.95 16.77
C ARG A 242 -32.61 -6.90 15.99
N GLY A 243 -31.56 -7.48 16.54
CA GLY A 243 -30.23 -7.23 16.00
C GLY A 243 -29.98 -7.97 14.70
N ARG A 244 -29.08 -7.42 13.89
CA ARG A 244 -28.60 -8.12 12.70
C ARG A 244 -27.07 -8.08 12.67
N THR A 245 -26.45 -8.94 11.87
CA THR A 245 -25.01 -8.92 11.63
C THR A 245 -24.72 -8.68 10.16
N PHE A 246 -23.77 -7.77 9.87
CA PHE A 246 -23.21 -7.59 8.55
C PHE A 246 -21.74 -7.98 8.58
N HIS A 247 -21.31 -8.81 7.64
CA HIS A 247 -19.94 -9.30 7.57
C HIS A 247 -19.17 -8.52 6.52
N LEU A 248 -17.97 -8.06 6.87
CA LEU A 248 -17.10 -7.28 5.99
C LEU A 248 -15.70 -7.91 6.02
N VAL A 249 -15.19 -8.33 4.86
CA VAL A 249 -13.88 -8.96 4.81
C VAL A 249 -13.01 -8.34 3.72
N THR A 250 -11.68 -8.46 3.90
CA THR A 250 -10.76 -7.86 2.95
C THR A 250 -10.30 -8.86 1.90
N GLY A 251 -10.46 -10.15 2.14
CA GLY A 251 -10.20 -11.20 1.19
C GLY A 251 -11.44 -11.65 0.44
N ASP A 252 -11.41 -12.91 -0.04
CA ASP A 252 -12.49 -13.43 -0.86
C ASP A 252 -13.69 -13.80 0.01
N PRO A 253 -14.87 -13.25 -0.24
CA PRO A 253 -16.03 -13.57 0.63
C PRO A 253 -16.46 -15.02 0.58
N GLU A 254 -16.35 -15.69 -0.56
CA GLU A 254 -16.79 -17.10 -0.59
C GLU A 254 -15.83 -17.99 0.21
N ALA A 255 -14.55 -17.65 0.21
CA ALA A 255 -13.59 -18.37 1.04
C ALA A 255 -13.91 -18.18 2.53
N TYR A 256 -14.28 -16.97 2.91
CA TYR A 256 -14.66 -16.69 4.28
C TYR A 256 -15.91 -17.48 4.68
N ARG A 257 -16.94 -17.41 3.84
CA ARG A 257 -18.20 -18.12 4.11
C ARG A 257 -17.95 -19.61 4.27
N ALA A 258 -17.07 -20.20 3.45
CA ALA A 258 -16.81 -21.63 3.57
C ALA A 258 -16.19 -21.95 4.91
N LEU A 259 -15.16 -21.19 5.29
CA LEU A 259 -14.44 -21.41 6.55
C LEU A 259 -15.31 -21.07 7.77
N ALA A 260 -16.17 -20.05 7.68
CA ALA A 260 -17.08 -19.79 8.79
C ALA A 260 -18.06 -20.94 8.97
N GLU A 261 -18.52 -21.53 7.87
CA GLU A 261 -19.48 -22.62 7.96
C GLU A 261 -18.89 -23.80 8.73
N ARG A 262 -17.61 -24.11 8.51
CA ARG A 262 -16.93 -25.15 9.30
C ARG A 262 -16.86 -24.81 10.77
N LEU A 263 -16.81 -23.53 11.13
CA LEU A 263 -16.85 -23.14 12.53
C LEU A 263 -18.28 -22.88 13.03
N GLY A 264 -19.28 -23.32 12.27
CA GLY A 264 -20.65 -23.29 12.73
C GLY A 264 -21.38 -21.96 12.65
N GLU A 265 -21.00 -21.10 11.72
CA GLU A 265 -21.75 -19.86 11.49
C GLU A 265 -22.19 -19.81 10.04
N ARG A 266 -23.44 -19.42 9.85
CA ARG A 266 -24.04 -19.37 8.53
C ARG A 266 -24.05 -17.90 8.15
N VAL A 267 -23.16 -17.52 7.25
CA VAL A 267 -22.92 -16.11 7.01
C VAL A 267 -24.02 -15.62 6.07
N GLU A 268 -24.89 -14.78 6.59
CA GLU A 268 -25.96 -14.22 5.79
C GLU A 268 -25.40 -13.18 4.82
N ALA A 269 -25.03 -12.04 5.36
CA ALA A 269 -24.65 -10.87 4.57
C ALA A 269 -23.15 -10.70 4.66
N VAL A 270 -22.45 -10.84 3.53
CA VAL A 270 -21.01 -10.57 3.48
C VAL A 270 -20.67 -9.77 2.21
N ARG A 271 -19.74 -8.82 2.35
CA ARG A 271 -19.22 -8.09 1.21
C ARG A 271 -17.72 -7.85 1.40
N ARG A 272 -17.03 -7.70 0.28
CA ARG A 272 -15.59 -7.47 0.29
C ARG A 272 -15.32 -5.97 0.38
N VAL A 273 -14.49 -5.58 1.33
CA VAL A 273 -14.04 -4.20 1.41
C VAL A 273 -12.61 -4.18 0.90
N SER A 274 -12.32 -3.25 0.01
CA SER A 274 -10.95 -3.18 -0.48
C SER A 274 -10.02 -2.66 0.62
N LEU A 275 -8.83 -3.28 0.72
CA LEU A 275 -7.76 -2.71 1.52
C LEU A 275 -7.48 -1.25 1.11
N GLU A 276 -7.91 -0.83 -0.09
CA GLU A 276 -7.78 0.59 -0.48
C GLU A 276 -8.80 1.49 0.19
N GLU A 277 -9.99 0.97 0.54
CA GLU A 277 -10.96 1.61 1.42
C GLU A 277 -10.42 1.82 2.84
N LEU A 278 -9.26 1.24 3.13
CA LEU A 278 -8.64 1.33 4.43
C LEU A 278 -7.50 2.36 4.32
N LYS B 23 24.80 -12.21 -19.79
CA LYS B 23 25.72 -11.14 -20.15
C LYS B 23 26.74 -10.88 -19.03
N ASP B 24 26.47 -11.42 -17.81
CA ASP B 24 27.45 -11.41 -16.72
C ASP B 24 27.15 -12.60 -15.81
N PRO B 25 27.96 -13.67 -15.89
CA PRO B 25 27.71 -14.81 -14.99
C PRO B 25 28.18 -14.61 -13.55
N LYS B 26 28.87 -13.53 -13.22
CA LYS B 26 29.06 -13.20 -11.79
C LYS B 26 27.76 -12.73 -11.10
N ALA B 27 26.75 -12.35 -11.86
CA ALA B 27 25.50 -11.84 -11.30
C ALA B 27 24.82 -12.92 -10.46
N PRO B 28 24.04 -12.54 -9.45
CA PRO B 28 23.36 -13.54 -8.61
C PRO B 28 22.11 -14.13 -9.27
N ILE B 29 21.69 -15.28 -8.74
CA ILE B 29 20.43 -15.92 -9.08
C ILE B 29 19.43 -15.56 -7.96
N GLY B 30 18.27 -15.03 -8.34
CA GLY B 30 17.21 -14.70 -7.37
C GLY B 30 16.33 -15.92 -7.13
N VAL B 31 16.01 -16.15 -5.84
CA VAL B 31 15.10 -17.21 -5.43
C VAL B 31 14.09 -16.61 -4.47
N PHE B 32 12.79 -16.81 -4.71
CA PHE B 32 11.82 -16.23 -3.78
C PHE B 32 10.70 -17.17 -3.38
N ASP B 33 10.19 -16.91 -2.18
CA ASP B 33 9.19 -17.75 -1.56
C ASP B 33 8.46 -16.85 -0.58
N SER B 34 7.37 -17.36 -0.03
CA SER B 34 6.68 -16.62 1.01
C SER B 34 7.48 -16.58 2.31
N GLY B 35 8.44 -17.47 2.51
CA GLY B 35 9.11 -17.54 3.79
C GLY B 35 10.25 -18.53 3.90
N VAL B 36 10.25 -19.37 4.94
CA VAL B 36 11.34 -20.34 5.15
C VAL B 36 11.17 -21.62 4.34
N GLY B 37 9.95 -21.94 3.91
CA GLY B 37 9.74 -23.19 3.19
C GLY B 37 10.63 -23.32 1.97
N GLY B 38 10.83 -22.22 1.27
CA GLY B 38 11.58 -22.26 0.07
C GLY B 38 13.04 -22.59 0.26
N LEU B 39 13.51 -22.65 1.51
CA LEU B 39 14.90 -23.04 1.71
C LEU B 39 15.16 -24.48 1.26
N THR B 40 14.13 -25.32 1.15
CA THR B 40 14.35 -26.64 0.54
C THR B 40 14.84 -26.49 -0.90
N VAL B 41 14.25 -25.56 -1.66
CA VAL B 41 14.66 -25.31 -3.03
C VAL B 41 16.04 -24.68 -3.05
N LEU B 42 16.30 -23.77 -2.12
CA LEU B 42 17.61 -23.13 -2.08
C LEU B 42 18.71 -24.14 -1.81
N LYS B 43 18.50 -24.99 -0.82
CA LYS B 43 19.48 -26.03 -0.48
C LYS B 43 19.74 -26.94 -1.68
N ALA B 44 18.68 -27.40 -2.36
CA ALA B 44 18.90 -28.26 -3.52
C ALA B 44 19.69 -27.52 -4.61
N LEU B 45 19.40 -26.23 -4.83
CA LEU B 45 20.15 -25.46 -5.82
C LEU B 45 21.61 -25.35 -5.44
N ARG B 46 21.87 -24.96 -4.19
CA ARG B 46 23.25 -24.74 -3.75
C ARG B 46 24.04 -26.04 -3.81
N ARG B 47 23.40 -27.17 -3.52
CA ARG B 47 24.08 -28.46 -3.68
C ARG B 47 24.57 -28.64 -5.12
N LEU B 48 23.76 -28.26 -6.10
CA LEU B 48 24.16 -28.44 -7.50
C LEU B 48 25.04 -27.34 -8.02
N LEU B 49 25.05 -26.17 -7.38
CA LEU B 49 25.68 -24.98 -7.94
C LEU B 49 26.46 -24.26 -6.87
N PRO B 50 27.52 -24.87 -6.35
CA PRO B 50 28.30 -24.23 -5.28
C PRO B 50 28.97 -22.94 -5.67
N ARG B 51 29.10 -22.60 -6.96
CA ARG B 51 29.81 -21.36 -7.29
C ARG B 51 28.91 -20.12 -7.38
N GLU B 52 27.59 -20.32 -7.44
CA GLU B 52 26.66 -19.24 -7.76
C GLU B 52 26.34 -18.42 -6.51
N GLU B 53 26.21 -17.11 -6.69
CA GLU B 53 25.68 -16.24 -5.65
C GLU B 53 24.15 -16.29 -5.73
N PHE B 54 23.49 -16.49 -4.58
CA PHE B 54 22.04 -16.51 -4.48
C PHE B 54 21.55 -15.36 -3.62
N LEU B 55 20.45 -14.74 -4.06
CA LEU B 55 19.66 -13.82 -3.25
C LEU B 55 18.37 -14.55 -2.95
N TYR B 56 18.17 -14.93 -1.70
CA TYR B 56 16.96 -15.62 -1.28
C TYR B 56 16.02 -14.60 -0.63
N PHE B 57 14.83 -14.48 -1.18
CA PHE B 57 13.88 -13.45 -0.78
C PHE B 57 12.69 -14.16 -0.17
N GLY B 58 12.45 -13.89 1.09
CA GLY B 58 11.37 -14.52 1.82
C GLY B 58 10.35 -13.46 2.23
N ASP B 59 9.12 -13.53 1.69
CA ASP B 59 8.10 -12.50 1.90
C ASP B 59 7.36 -12.71 3.22
N THR B 60 8.12 -12.72 4.32
CA THR B 60 7.54 -13.14 5.59
C THR B 60 6.53 -12.15 6.13
N ALA B 61 6.51 -10.93 5.63
CA ALA B 61 5.49 -10.00 6.05
C ALA B 61 4.12 -10.46 5.61
N ARG B 62 4.04 -11.23 4.53
CA ARG B 62 2.76 -11.59 3.94
C ARG B 62 2.54 -13.09 3.86
N VAL B 63 3.38 -13.89 4.53
CA VAL B 63 3.18 -15.34 4.58
C VAL B 63 1.93 -15.62 5.43
N PRO B 64 1.13 -16.65 5.12
CA PRO B 64 1.29 -17.55 3.96
C PRO B 64 0.46 -17.17 2.77
N TYR B 65 0.89 -17.64 1.62
CA TYR B 65 0.20 -17.44 0.37
C TYR B 65 -0.94 -18.43 0.11
N GLY B 66 -0.88 -19.64 0.71
CA GLY B 66 -1.81 -20.69 0.31
C GLY B 66 -3.28 -20.38 0.52
N GLY B 67 -3.60 -19.52 1.47
CA GLY B 67 -4.96 -19.08 1.70
C GLY B 67 -5.40 -17.78 1.07
N LYS B 68 -4.58 -17.14 0.22
CA LYS B 68 -4.90 -15.86 -0.36
C LYS B 68 -5.48 -16.04 -1.74
N PRO B 69 -6.15 -15.03 -2.27
CA PRO B 69 -6.60 -15.10 -3.66
C PRO B 69 -5.41 -15.24 -4.58
N LEU B 70 -5.56 -16.12 -5.56
CA LEU B 70 -4.49 -16.35 -6.51
C LEU B 70 -4.05 -15.06 -7.20
N ALA B 71 -4.99 -14.16 -7.50
CA ALA B 71 -4.65 -12.93 -8.22
C ALA B 71 -3.83 -12.01 -7.35
N MET B 72 -4.06 -12.08 -6.05
CA MET B 72 -3.25 -11.33 -5.13
C MET B 72 -1.82 -11.88 -5.12
N VAL B 73 -1.68 -13.20 -5.04
CA VAL B 73 -0.34 -13.79 -5.04
C VAL B 73 0.37 -13.46 -6.36
N ARG B 74 -0.37 -13.48 -7.47
CA ARG B 74 0.24 -13.13 -8.76
CA ARG B 74 0.20 -13.12 -8.77
C ARG B 74 0.84 -11.74 -8.71
N ARG B 75 0.16 -10.77 -8.08
CA ARG B 75 0.69 -9.44 -7.96
C ARG B 75 1.94 -9.39 -7.08
N PHE B 76 1.94 -10.13 -5.96
CA PHE B 76 3.14 -10.21 -5.14
C PHE B 76 4.33 -10.69 -5.97
N ALA B 77 4.13 -11.75 -6.75
CA ALA B 77 5.20 -12.30 -7.57
C ALA B 77 5.78 -11.24 -8.51
N TRP B 78 4.91 -10.40 -9.09
CA TRP B 78 5.39 -9.34 -10.00
C TRP B 78 6.24 -8.32 -9.26
N GLU B 79 5.76 -7.84 -8.13
CA GLU B 79 6.50 -6.92 -7.26
C GLU B 79 7.88 -7.47 -6.91
N ILE B 80 7.94 -8.71 -6.41
CA ILE B 80 9.21 -9.27 -5.94
C ILE B 80 10.15 -9.50 -7.12
N ALA B 81 9.61 -9.94 -8.25
CA ALA B 81 10.43 -10.06 -9.45
C ALA B 81 11.10 -8.75 -9.81
N GLY B 82 10.34 -7.65 -9.83
CA GLY B 82 10.94 -6.34 -10.13
C GLY B 82 12.01 -5.95 -9.16
N PHE B 83 11.77 -6.21 -7.89
CA PHE B 83 12.77 -5.95 -6.90
C PHE B 83 14.06 -6.72 -7.20
N LEU B 84 13.93 -8.01 -7.51
CA LEU B 84 15.11 -8.84 -7.78
C LEU B 84 15.83 -8.38 -9.05
N LEU B 85 15.08 -7.93 -10.08
CA LEU B 85 15.70 -7.38 -11.27
C LEU B 85 16.46 -6.10 -10.96
N ARG B 86 15.98 -5.29 -10.00
CA ARG B 86 16.71 -4.10 -9.60
C ARG B 86 18.00 -4.45 -8.86
N GLN B 87 18.10 -5.64 -8.27
CA GLN B 87 19.36 -6.10 -7.70
C GLN B 87 20.30 -6.70 -8.74
N GLY B 88 19.91 -6.85 -9.99
CA GLY B 88 20.80 -7.34 -11.05
C GLY B 88 20.84 -8.84 -11.26
N VAL B 89 19.82 -9.58 -10.84
CA VAL B 89 19.86 -11.03 -10.97
C VAL B 89 19.90 -11.42 -12.44
N LYS B 90 20.52 -12.59 -12.71
CA LYS B 90 20.60 -13.10 -14.07
C LYS B 90 19.54 -14.12 -14.35
N ALA B 91 18.80 -14.54 -13.31
CA ALA B 91 17.78 -15.55 -13.39
C ALA B 91 16.94 -15.45 -12.12
N ILE B 92 15.69 -15.91 -12.23
CA ILE B 92 14.73 -15.92 -11.13
C ILE B 92 14.16 -17.32 -10.95
N VAL B 93 14.19 -17.83 -9.73
CA VAL B 93 13.53 -19.08 -9.37
C VAL B 93 12.38 -18.79 -8.42
N VAL B 94 11.18 -19.15 -8.83
CA VAL B 94 10.02 -19.06 -7.96
C VAL B 94 9.98 -20.38 -7.18
N ALA B 95 10.44 -20.34 -5.93
CA ALA B 95 10.57 -21.55 -5.11
C ALA B 95 9.23 -21.99 -4.51
N CYS B 96 8.32 -21.04 -4.36
CA CYS B 96 6.97 -21.28 -3.90
C CYS B 96 6.07 -21.92 -4.95
N ASN B 97 5.38 -23.03 -4.55
CA ASN B 97 4.41 -23.68 -5.44
C ASN B 97 3.14 -22.86 -5.59
N THR B 98 2.72 -22.16 -4.55
CA THR B 98 1.56 -21.30 -4.70
C THR B 98 1.88 -20.14 -5.64
N ALA B 99 3.02 -19.46 -5.44
CA ALA B 99 3.38 -18.35 -6.33
C ALA B 99 3.67 -18.84 -7.75
N SER B 100 4.28 -20.03 -7.90
CA SER B 100 4.42 -20.58 -9.24
C SER B 100 3.04 -20.81 -9.85
N SER B 101 2.12 -21.41 -9.08
CA SER B 101 0.77 -21.67 -9.61
C SER B 101 0.09 -20.38 -10.02
N ALA B 102 0.32 -19.31 -9.27
CA ALA B 102 -0.37 -18.04 -9.54
C ALA B 102 0.25 -17.31 -10.73
N ALA B 103 1.57 -17.39 -10.86
CA ALA B 103 2.27 -16.40 -11.69
C ALA B 103 2.87 -16.99 -12.93
N LEU B 104 3.08 -18.34 -12.98
CA LEU B 104 3.66 -18.93 -14.16
C LEU B 104 2.59 -19.65 -14.96
N PRO B 105 2.77 -19.76 -16.27
CA PRO B 105 3.97 -19.40 -17.04
C PRO B 105 4.09 -17.93 -17.48
N ASP B 106 3.10 -17.10 -17.16
CA ASP B 106 3.09 -15.74 -17.69
C ASP B 106 4.33 -14.95 -17.29
N LEU B 107 4.80 -15.14 -16.06
CA LEU B 107 5.98 -14.42 -15.56
C LEU B 107 7.21 -14.72 -16.39
N ALA B 108 7.39 -15.99 -16.75
CA ALA B 108 8.52 -16.38 -17.61
C ALA B 108 8.36 -15.79 -19.01
N GLU B 109 7.15 -15.81 -19.56
CA GLU B 109 6.91 -15.23 -20.87
C GLU B 109 7.16 -13.74 -20.88
N ASP B 110 6.80 -13.05 -19.79
CA ASP B 110 6.81 -11.59 -19.75
C ASP B 110 8.21 -11.02 -19.53
N LEU B 111 9.10 -11.80 -18.89
CA LEU B 111 10.45 -11.34 -18.53
C LEU B 111 11.53 -11.89 -19.45
N SER B 112 12.56 -11.05 -19.68
CA SER B 112 13.72 -11.40 -20.47
C SER B 112 14.67 -12.38 -19.78
N VAL B 113 14.98 -12.20 -18.50
CA VAL B 113 15.86 -13.17 -17.81
C VAL B 113 15.18 -14.53 -17.73
N PRO B 114 15.94 -15.62 -17.65
CA PRO B 114 15.34 -16.93 -17.39
C PRO B 114 14.57 -16.92 -16.07
N VAL B 115 13.33 -17.39 -16.13
CA VAL B 115 12.49 -17.56 -14.96
C VAL B 115 12.08 -19.04 -14.84
N PHE B 116 12.27 -19.61 -13.66
CA PHE B 116 11.95 -21.01 -13.37
C PHE B 116 10.98 -21.09 -12.21
N GLY B 117 10.07 -22.08 -12.26
CA GLY B 117 9.18 -22.36 -11.16
C GLY B 117 9.26 -23.83 -10.77
N VAL B 118 8.46 -24.18 -9.76
CA VAL B 118 8.48 -25.50 -9.14
C VAL B 118 7.29 -26.34 -9.56
N VAL B 119 6.48 -25.87 -10.49
CA VAL B 119 5.37 -26.67 -11.02
C VAL B 119 5.83 -27.54 -12.19
N GLU B 120 6.44 -26.93 -13.19
CA GLU B 120 6.67 -27.65 -14.45
C GLU B 120 7.59 -28.86 -14.30
N PRO B 121 8.75 -28.79 -13.65
CA PRO B 121 9.64 -29.96 -13.64
C PRO B 121 9.01 -31.18 -12.97
N ALA B 122 8.30 -31.02 -11.85
CA ALA B 122 7.65 -32.17 -11.25
C ALA B 122 6.51 -32.67 -12.11
N ALA B 123 5.78 -31.75 -12.74
CA ALA B 123 4.70 -32.19 -13.63
C ALA B 123 5.25 -32.97 -14.81
N ARG B 124 6.40 -32.56 -15.34
CA ARG B 124 7.07 -33.31 -16.40
C ARG B 124 7.44 -34.72 -15.93
N ALA B 125 8.14 -34.83 -14.80
CA ALA B 125 8.45 -36.15 -14.24
C ALA B 125 7.20 -36.99 -14.00
N ALA B 126 6.08 -36.37 -13.65
CA ALA B 126 4.88 -37.13 -13.40
C ALA B 126 4.31 -37.73 -14.68
N ARG B 127 4.66 -37.19 -15.85
CA ARG B 127 4.06 -37.70 -17.07
C ARG B 127 4.55 -39.11 -17.39
N GLY B 128 5.57 -39.61 -16.71
CA GLY B 128 5.98 -40.99 -16.88
C GLY B 128 5.27 -41.96 -15.94
N PHE B 129 4.04 -41.64 -15.56
CA PHE B 129 3.26 -42.50 -14.69
C PHE B 129 1.82 -42.46 -15.17
N ARG B 130 1.08 -43.55 -14.93
CA ARG B 130 -0.28 -43.63 -15.44
C ARG B 130 -1.27 -42.85 -14.57
N LYS B 131 -1.14 -42.96 -13.25
CA LYS B 131 -2.08 -42.37 -12.30
C LYS B 131 -1.30 -41.45 -11.35
N VAL B 132 -1.59 -40.15 -11.41
CA VAL B 132 -0.82 -39.15 -10.68
C VAL B 132 -1.76 -38.33 -9.81
N GLY B 133 -1.34 -38.11 -8.56
CA GLY B 133 -2.04 -37.26 -7.63
C GLY B 133 -1.20 -36.01 -7.31
N LEU B 134 -1.86 -35.05 -6.67
CA LEU B 134 -1.24 -33.79 -6.29
C LEU B 134 -1.65 -33.40 -4.88
N ILE B 135 -0.70 -33.01 -4.04
CA ILE B 135 -1.06 -32.36 -2.79
C ILE B 135 -0.36 -30.99 -2.73
N GLY B 136 -0.99 -30.04 -2.04
CA GLY B 136 -0.46 -28.70 -1.97
C GLY B 136 -1.40 -27.80 -1.18
N THR B 137 -1.13 -26.50 -1.26
CA THR B 137 -2.03 -25.57 -0.61
C THR B 137 -3.34 -25.51 -1.38
N GLN B 138 -4.33 -24.91 -0.71
CA GLN B 138 -5.61 -24.58 -1.33
C GLN B 138 -5.44 -23.82 -2.64
N ALA B 139 -4.64 -22.76 -2.62
CA ALA B 139 -4.43 -21.95 -3.82
C ALA B 139 -3.86 -22.79 -4.96
N THR B 140 -2.83 -23.58 -4.66
CA THR B 140 -2.20 -24.43 -5.66
C THR B 140 -3.21 -25.41 -6.28
N VAL B 141 -3.93 -26.14 -5.42
CA VAL B 141 -4.86 -27.16 -5.91
C VAL B 141 -5.99 -26.51 -6.70
N GLU B 142 -6.53 -25.40 -6.21
CA GLU B 142 -7.59 -24.70 -6.93
C GLU B 142 -7.11 -24.07 -8.23
N SER B 143 -5.81 -23.77 -8.34
CA SER B 143 -5.36 -22.94 -9.45
C SER B 143 -5.50 -23.62 -10.79
N GLY B 144 -5.45 -24.95 -10.83
CA GLY B 144 -5.34 -25.61 -12.11
C GLY B 144 -4.00 -25.49 -12.81
N ALA B 145 -2.96 -25.05 -12.10
CA ALA B 145 -1.63 -24.97 -12.69
C ALA B 145 -1.11 -26.35 -13.12
N TYR B 146 -1.22 -27.35 -12.24
CA TYR B 146 -0.63 -28.63 -12.58
C TYR B 146 -1.34 -29.31 -13.75
N PRO B 147 -2.67 -29.29 -13.80
CA PRO B 147 -3.38 -29.93 -14.91
C PRO B 147 -3.02 -29.41 -16.26
N ARG B 148 -2.52 -28.19 -16.37
CA ARG B 148 -2.14 -27.74 -17.69
C ARG B 148 -0.88 -28.47 -18.16
N TYR B 149 -0.13 -29.06 -17.26
CA TYR B 149 1.05 -29.83 -17.65
C TYR B 149 0.92 -31.35 -17.50
N VAL B 150 0.01 -31.84 -16.68
CA VAL B 150 -0.05 -33.29 -16.44
C VAL B 150 -1.46 -33.64 -15.99
N ASP B 151 -1.94 -34.77 -16.48
CA ASP B 151 -3.28 -35.21 -16.13
C ASP B 151 -3.24 -35.83 -14.74
N LEU B 152 -4.09 -35.31 -13.86
CA LEU B 152 -4.12 -35.68 -12.45
C LEU B 152 -5.31 -36.60 -12.22
N ALA B 153 -5.11 -37.67 -11.44
CA ALA B 153 -6.20 -38.54 -11.02
C ALA B 153 -6.87 -38.07 -9.76
N TRP B 154 -6.16 -37.29 -8.97
CA TRP B 154 -6.60 -36.89 -7.63
C TRP B 154 -5.81 -35.66 -7.21
N ALA B 155 -6.47 -34.75 -6.50
CA ALA B 155 -5.80 -33.58 -5.96
C ALA B 155 -6.44 -33.25 -4.63
N LYS B 156 -5.61 -32.98 -3.62
CA LYS B 156 -6.09 -32.67 -2.29
C LYS B 156 -5.27 -31.54 -1.63
N ALA B 157 -5.94 -30.49 -1.17
CA ALA B 157 -5.26 -29.49 -0.37
C ALA B 157 -5.00 -30.02 1.04
N CYS B 158 -3.82 -29.74 1.57
CA CYS B 158 -3.39 -30.28 2.86
C CYS B 158 -2.93 -29.19 3.81
N PRO B 159 -3.84 -28.30 4.23
CA PRO B 159 -3.43 -27.08 4.95
C PRO B 159 -2.61 -27.29 6.20
N LEU B 160 -2.90 -28.35 6.98
CA LEU B 160 -2.16 -28.53 8.23
C LEU B 160 -0.70 -28.94 8.01
N PHE B 161 -0.33 -29.42 6.82
CA PHE B 161 1.05 -29.86 6.64
C PHE B 161 2.07 -28.74 6.89
N VAL B 162 1.84 -27.54 6.35
CA VAL B 162 2.83 -26.46 6.51
C VAL B 162 3.09 -26.16 7.99
N PRO B 163 2.09 -25.84 8.82
CA PRO B 163 2.41 -25.51 10.22
C PRO B 163 2.93 -26.71 11.03
N LEU B 164 2.51 -27.92 10.68
CA LEU B 164 3.09 -29.11 11.28
C LEU B 164 4.59 -29.16 11.04
N VAL B 165 5.02 -28.89 9.80
CA VAL B 165 6.46 -28.87 9.52
C VAL B 165 7.14 -27.73 10.27
N GLU B 166 6.56 -26.53 10.25
CA GLU B 166 7.22 -25.39 10.89
C GLU B 166 7.28 -25.58 12.40
N GLU B 167 6.36 -26.38 12.97
CA GLU B 167 6.45 -26.70 14.38
C GLU B 167 7.45 -27.82 14.66
N GLY B 168 8.05 -28.40 13.63
CA GLY B 168 9.06 -29.42 13.83
C GLY B 168 8.53 -30.79 14.17
N LEU B 169 7.29 -31.11 13.79
CA LEU B 169 6.62 -32.31 14.21
C LEU B 169 6.54 -33.35 13.09
N TRP B 170 7.38 -33.22 12.06
CA TRP B 170 7.21 -34.00 10.84
C TRP B 170 7.51 -35.49 11.04
N ASP B 171 8.30 -35.84 12.04
CA ASP B 171 8.67 -37.23 12.29
C ASP B 171 7.83 -37.90 13.38
N ASP B 172 6.91 -37.18 13.98
CA ASP B 172 6.16 -37.62 15.16
C ASP B 172 4.90 -38.36 14.77
N PRO B 173 4.32 -39.12 15.69
CA PRO B 173 3.07 -39.84 15.39
C PRO B 173 1.97 -38.95 14.87
N VAL B 174 1.85 -37.73 15.40
CA VAL B 174 0.80 -36.82 14.95
C VAL B 174 0.91 -36.53 13.45
N ALA B 175 2.14 -36.47 12.93
CA ALA B 175 2.35 -36.31 11.49
C ALA B 175 1.74 -37.45 10.71
N LEU B 176 1.93 -38.69 11.21
CA LEU B 176 1.34 -39.82 10.52
C LEU B 176 -0.17 -39.73 10.49
N LEU B 177 -0.77 -39.28 11.60
CA LEU B 177 -2.22 -39.22 11.67
C LEU B 177 -2.78 -38.10 10.80
N VAL B 178 -2.07 -36.98 10.73
CA VAL B 178 -2.52 -35.93 9.82
C VAL B 178 -2.38 -36.41 8.38
N ALA B 179 -1.27 -37.05 8.05
CA ALA B 179 -1.14 -37.59 6.71
C ALA B 179 -2.27 -38.54 6.39
N ARG B 180 -2.69 -39.35 7.37
CA ARG B 180 -3.77 -40.29 7.13
C ARG B 180 -5.08 -39.55 6.87
N HIS B 181 -5.33 -38.52 7.68
CA HIS B 181 -6.54 -37.72 7.51
C HIS B 181 -6.65 -37.14 6.09
N TYR B 182 -5.53 -36.73 5.48
CA TYR B 182 -5.59 -36.09 4.16
C TYR B 182 -5.52 -37.10 3.01
N LEU B 183 -4.76 -38.17 3.18
CA LEU B 183 -4.46 -39.08 2.08
C LEU B 183 -5.32 -40.35 2.08
N GLU B 184 -6.14 -40.54 3.12
CA GLU B 184 -6.95 -41.74 3.28
C GLU B 184 -7.74 -42.06 2.02
N ASP B 185 -8.51 -41.09 1.51
N ASP B 185 -8.48 -41.08 1.49
CA ASP B 185 -9.38 -41.29 0.38
CA ASP B 185 -9.37 -41.22 0.34
C ASP B 185 -8.64 -41.17 -0.98
C ASP B 185 -8.62 -41.21 -1.00
N ALA B 186 -7.30 -41.33 -1.01
CA ALA B 186 -6.57 -41.28 -2.25
C ALA B 186 -6.79 -42.57 -3.05
N PRO B 187 -6.92 -42.50 -4.37
CA PRO B 187 -7.14 -43.71 -5.17
C PRO B 187 -6.09 -44.78 -4.93
N LYS B 188 -6.55 -46.02 -4.67
CA LYS B 188 -5.63 -47.09 -4.33
C LYS B 188 -4.65 -47.40 -5.46
N ASP B 189 -4.98 -47.07 -6.71
CA ASP B 189 -4.09 -47.36 -7.83
C ASP B 189 -3.16 -46.20 -8.18
N LEU B 190 -2.92 -45.26 -7.27
CA LEU B 190 -1.97 -44.17 -7.54
C LEU B 190 -0.57 -44.72 -7.70
N GLU B 191 0.16 -44.19 -8.69
CA GLU B 191 1.56 -44.52 -8.88
C GLU B 191 2.53 -43.43 -8.46
N ALA B 192 2.11 -42.17 -8.51
CA ALA B 192 2.99 -41.07 -8.14
C ALA B 192 2.16 -39.97 -7.51
N LEU B 193 2.78 -39.23 -6.58
CA LEU B 193 2.16 -38.11 -5.90
C LEU B 193 3.11 -36.94 -5.94
N ILE B 194 2.62 -35.82 -6.47
CA ILE B 194 3.42 -34.59 -6.54
C ILE B 194 3.34 -33.90 -5.18
N LEU B 195 4.50 -33.69 -4.54
CA LEU B 195 4.61 -32.95 -3.29
C LEU B 195 4.64 -31.45 -3.62
N GLY B 196 3.47 -30.92 -3.95
CA GLY B 196 3.38 -29.59 -4.53
C GLY B 196 3.35 -28.44 -3.56
N CYS B 197 4.32 -28.43 -2.66
CA CYS B 197 4.43 -27.36 -1.67
C CYS B 197 5.84 -27.43 -1.10
N THR B 198 6.44 -26.25 -0.83
CA THR B 198 7.83 -26.15 -0.39
C THR B 198 8.13 -27.01 0.85
N HIS B 199 7.17 -27.19 1.74
CA HIS B 199 7.44 -27.79 3.04
C HIS B 199 7.42 -29.31 2.98
N TYR B 200 6.85 -29.89 1.93
CA TYR B 200 6.43 -31.27 2.01
C TYR B 200 7.60 -32.25 1.95
N PRO B 201 8.77 -31.92 1.41
CA PRO B 201 9.89 -32.86 1.49
C PRO B 201 10.16 -33.32 2.91
N PHE B 202 9.83 -32.50 3.90
CA PHE B 202 10.03 -32.91 5.29
C PHE B 202 9.10 -34.03 5.72
N LEU B 203 8.01 -34.29 4.97
CA LEU B 203 6.98 -35.25 5.36
C LEU B 203 7.03 -36.56 4.56
N LYS B 204 8.11 -36.82 3.83
CA LYS B 204 8.19 -38.07 3.05
C LYS B 204 8.00 -39.31 3.93
N GLY B 205 8.54 -39.28 5.15
CA GLY B 205 8.40 -40.42 6.05
C GLY B 205 6.95 -40.72 6.34
N ALA B 206 6.20 -39.72 6.82
CA ALA B 206 4.79 -39.94 7.17
C ALA B 206 3.94 -40.21 5.94
N ILE B 207 4.20 -39.51 4.83
CA ILE B 207 3.39 -39.71 3.62
C ILE B 207 3.61 -41.11 3.08
N GLY B 208 4.87 -41.54 3.02
CA GLY B 208 5.17 -42.85 2.46
C GLY B 208 4.69 -44.00 3.34
N ALA B 209 4.70 -43.80 4.66
CA ALA B 209 4.12 -44.78 5.57
C ALA B 209 2.64 -44.96 5.31
N VAL B 210 1.95 -43.88 4.98
CA VAL B 210 0.51 -43.95 4.69
C VAL B 210 0.22 -44.33 3.24
N LEU B 211 1.14 -44.10 2.31
CA LEU B 211 0.91 -44.35 0.88
C LEU B 211 2.05 -45.20 0.34
N PRO B 212 2.21 -46.42 0.85
CA PRO B 212 3.33 -47.26 0.42
C PRO B 212 3.25 -47.50 -1.07
N GLY B 213 4.42 -47.62 -1.69
CA GLY B 213 4.49 -47.92 -3.09
C GLY B 213 4.21 -46.77 -4.04
N VAL B 214 3.89 -45.57 -3.55
CA VAL B 214 3.65 -44.44 -4.42
C VAL B 214 4.94 -43.65 -4.56
N ALA B 215 5.32 -43.34 -5.81
CA ALA B 215 6.50 -42.51 -6.01
C ALA B 215 6.14 -41.08 -5.59
N LEU B 216 7.01 -40.47 -4.78
CA LEU B 216 6.80 -39.12 -4.28
C LEU B 216 7.73 -38.20 -5.06
N LEU B 217 7.13 -37.24 -5.79
CA LEU B 217 7.92 -36.33 -6.62
C LEU B 217 8.24 -35.04 -5.86
N ASP B 218 9.53 -34.76 -5.69
CA ASP B 218 10.05 -33.68 -4.85
C ASP B 218 10.27 -32.44 -5.72
N SER B 219 9.54 -31.35 -5.44
CA SER B 219 9.64 -30.12 -6.25
C SER B 219 11.04 -29.55 -6.20
N ALA B 220 11.65 -29.51 -5.03
CA ALA B 220 12.92 -28.83 -4.88
C ALA B 220 14.02 -29.51 -5.70
N GLU B 221 14.04 -30.84 -5.69
CA GLU B 221 15.12 -31.53 -6.38
C GLU B 221 14.92 -31.49 -7.89
N LEU B 222 13.69 -31.70 -8.37
CA LEU B 222 13.45 -31.66 -9.80
C LEU B 222 13.61 -30.25 -10.37
N THR B 223 13.30 -29.20 -9.59
CA THR B 223 13.52 -27.83 -10.09
C THR B 223 14.98 -27.46 -10.09
N ALA B 224 15.71 -27.81 -9.03
CA ALA B 224 17.13 -27.47 -9.03
C ALA B 224 17.85 -28.12 -10.20
N GLN B 225 17.49 -29.33 -10.51
CA GLN B 225 18.02 -30.05 -11.62
C GLN B 225 17.79 -29.27 -12.92
N GLU B 226 16.58 -28.83 -13.15
CA GLU B 226 16.25 -28.06 -14.34
C GLU B 226 17.00 -26.72 -14.38
N VAL B 227 17.07 -26.01 -13.25
CA VAL B 227 17.80 -24.75 -13.26
C VAL B 227 19.24 -24.96 -13.70
N ALA B 228 19.92 -25.94 -13.10
CA ALA B 228 21.31 -26.17 -13.45
C ALA B 228 21.48 -26.52 -14.94
N ARG B 229 20.64 -27.43 -15.43
CA ARG B 229 20.69 -27.79 -16.85
C ARG B 229 20.45 -26.58 -17.73
N ALA B 230 19.41 -25.79 -17.42
CA ALA B 230 19.03 -24.73 -18.35
C ALA B 230 20.07 -23.63 -18.37
N LEU B 231 20.62 -23.27 -17.21
CA LEU B 231 21.56 -22.17 -17.16
C LEU B 231 22.89 -22.56 -17.80
N GLU B 232 23.27 -23.81 -17.65
CA GLU B 232 24.45 -24.35 -18.32
C GLU B 232 24.28 -24.29 -19.83
N ALA B 233 23.14 -24.78 -20.34
CA ALA B 233 22.90 -24.73 -21.77
C ALA B 233 22.85 -23.30 -22.30
N GLU B 234 22.45 -22.35 -21.46
CA GLU B 234 22.37 -20.96 -21.86
C GLU B 234 23.68 -20.24 -21.70
N GLY B 235 24.71 -20.91 -21.21
CA GLY B 235 25.98 -20.25 -20.94
C GLY B 235 25.97 -19.22 -19.82
N LEU B 236 25.07 -19.36 -18.83
CA LEU B 236 24.92 -18.36 -17.78
C LEU B 236 25.58 -18.73 -16.46
N LEU B 237 26.19 -19.91 -16.33
CA LEU B 237 26.84 -20.30 -15.09
C LEU B 237 28.22 -19.69 -14.95
N ASN B 238 28.58 -19.36 -13.71
CA ASN B 238 29.88 -18.76 -13.45
C ASN B 238 30.91 -19.86 -13.18
N PRO B 239 31.89 -20.08 -14.05
CA PRO B 239 32.80 -21.22 -13.86
C PRO B 239 33.87 -21.02 -12.81
N GLU B 240 34.09 -19.78 -12.35
CA GLU B 240 35.11 -19.48 -11.36
C GLU B 240 34.54 -18.98 -10.04
N GLY B 241 33.22 -18.91 -9.90
CA GLY B 241 32.64 -18.31 -8.72
C GLY B 241 32.88 -19.11 -7.45
N ARG B 242 32.83 -18.39 -6.32
CA ARG B 242 32.74 -18.94 -4.97
C ARG B 242 31.53 -18.29 -4.31
N GLY B 243 30.35 -18.68 -4.74
CA GLY B 243 29.17 -17.87 -4.49
C GLY B 243 28.68 -18.02 -3.07
N ARG B 244 28.15 -16.94 -2.54
CA ARG B 244 27.56 -16.89 -1.21
C ARG B 244 26.03 -16.83 -1.33
N THR B 245 25.35 -16.87 -0.19
CA THR B 245 23.91 -16.67 -0.12
C THR B 245 23.61 -15.44 0.74
N PHE B 246 22.73 -14.57 0.27
CA PHE B 246 22.20 -13.45 1.04
C PHE B 246 20.70 -13.64 1.28
N HIS B 247 20.24 -13.44 2.51
CA HIS B 247 18.83 -13.57 2.84
C HIS B 247 18.18 -12.19 2.94
N LEU B 248 17.09 -11.98 2.20
CA LEU B 248 16.30 -10.75 2.25
C LEU B 248 14.86 -11.12 2.62
N VAL B 249 14.28 -10.45 3.62
CA VAL B 249 12.92 -10.77 4.08
C VAL B 249 12.13 -9.48 4.29
N THR B 250 10.80 -9.56 4.11
CA THR B 250 9.97 -8.37 4.32
C THR B 250 9.48 -8.22 5.75
N GLY B 251 9.56 -9.27 6.58
CA GLY B 251 9.15 -9.24 7.97
C GLY B 251 10.35 -9.08 8.89
N ASP B 252 10.22 -9.57 10.12
CA ASP B 252 11.31 -9.42 11.08
C ASP B 252 12.43 -10.45 10.84
N PRO B 253 13.68 -10.01 10.68
CA PRO B 253 14.76 -10.99 10.41
C PRO B 253 14.95 -12.03 11.50
N GLU B 254 14.84 -11.65 12.76
CA GLU B 254 15.08 -12.63 13.81
C GLU B 254 13.98 -13.68 13.83
N ALA B 255 12.72 -13.28 13.57
CA ALA B 255 11.67 -14.30 13.51
C ALA B 255 11.99 -15.31 12.42
N TYR B 256 12.48 -14.81 11.28
CA TYR B 256 12.82 -15.67 10.16
C TYR B 256 13.96 -16.61 10.53
N ARG B 257 15.00 -16.07 11.15
CA ARG B 257 16.13 -16.89 11.56
C ARG B 257 15.70 -18.04 12.47
N ALA B 258 14.82 -17.78 13.44
CA ALA B 258 14.37 -18.82 14.37
C ALA B 258 13.51 -19.87 13.66
N LEU B 259 12.67 -19.48 12.68
CA LEU B 259 11.93 -20.51 11.96
C LEU B 259 12.86 -21.35 11.10
N ALA B 260 13.82 -20.69 10.43
CA ALA B 260 14.75 -21.44 9.62
C ALA B 260 15.48 -22.48 10.47
N GLU B 261 15.85 -22.11 11.69
CA GLU B 261 16.54 -23.04 12.57
C GLU B 261 15.68 -24.26 12.89
N ARG B 262 14.38 -24.05 13.09
CA ARG B 262 13.51 -25.19 13.32
C ARG B 262 13.53 -26.14 12.13
N LEU B 263 13.78 -25.60 10.94
CA LEU B 263 13.82 -26.42 9.74
C LEU B 263 15.23 -26.90 9.39
N GLY B 264 16.22 -26.63 10.23
CA GLY B 264 17.57 -27.10 9.97
C GLY B 264 18.41 -26.25 9.05
N GLU B 265 18.14 -24.97 8.95
CA GLU B 265 19.02 -24.08 8.21
C GLU B 265 19.52 -23.02 9.17
N ARG B 266 20.83 -22.80 9.15
CA ARG B 266 21.45 -21.76 9.94
C ARG B 266 21.58 -20.55 9.03
N VAL B 267 20.81 -19.52 9.31
CA VAL B 267 20.82 -18.28 8.55
C VAL B 267 21.66 -17.30 9.33
N GLU B 268 22.61 -16.66 8.65
CA GLU B 268 23.44 -15.66 9.30
C GLU B 268 23.19 -14.27 8.73
N ALA B 269 23.34 -14.10 7.42
CA ALA B 269 23.25 -12.77 6.80
C ALA B 269 21.81 -12.56 6.35
N VAL B 270 21.03 -11.79 7.11
CA VAL B 270 19.65 -11.47 6.69
C VAL B 270 19.38 -9.97 6.82
N ARG B 271 18.82 -9.40 5.77
CA ARG B 271 18.48 -7.99 5.71
C ARG B 271 16.96 -7.85 5.59
N ARG B 272 16.40 -6.85 6.29
CA ARG B 272 14.99 -6.53 6.14
C ARG B 272 14.79 -5.58 4.95
N VAL B 273 13.95 -6.00 4.02
CA VAL B 273 13.60 -5.22 2.86
C VAL B 273 12.22 -4.63 3.12
N SER B 274 12.08 -3.33 2.98
CA SER B 274 10.76 -2.74 3.19
C SER B 274 9.83 -3.17 2.06
N LEU B 275 8.58 -3.55 2.42
CA LEU B 275 7.53 -3.67 1.43
C LEU B 275 7.40 -2.36 0.62
N GLU B 276 7.88 -1.21 1.15
CA GLU B 276 7.88 0.03 0.38
C GLU B 276 8.98 0.09 -0.67
N GLU B 277 10.03 -0.74 -0.54
CA GLU B 277 11.06 -0.95 -1.58
C GLU B 277 10.56 -1.77 -2.76
N LEU B 278 9.33 -2.30 -2.68
CA LEU B 278 8.78 -3.19 -3.68
C LEU B 278 7.92 -2.40 -4.68
N LYS C 23 3.78 -11.97 -31.35
CA LYS C 23 2.93 -13.12 -31.65
C LYS C 23 1.52 -12.72 -32.08
N ASP C 24 0.88 -11.78 -31.38
CA ASP C 24 -0.52 -11.42 -31.65
C ASP C 24 -0.65 -9.95 -32.03
N PRO C 25 -0.77 -9.63 -33.32
CA PRO C 25 -0.98 -8.23 -33.69
C PRO C 25 -2.40 -7.73 -33.46
N LYS C 26 -3.33 -8.59 -33.07
CA LYS C 26 -4.69 -8.10 -32.77
C LYS C 26 -4.78 -7.40 -31.41
N ALA C 27 -3.77 -7.62 -30.55
CA ALA C 27 -3.76 -7.12 -29.19
C ALA C 27 -3.52 -5.61 -29.13
N PRO C 28 -3.97 -4.94 -28.05
CA PRO C 28 -3.81 -3.48 -27.96
C PRO C 28 -2.38 -3.05 -27.67
N ILE C 29 -2.14 -1.75 -27.87
CA ILE C 29 -0.89 -1.10 -27.48
C ILE C 29 -1.13 -0.37 -26.15
N GLY C 30 -0.31 -0.69 -25.14
CA GLY C 30 -0.42 0.02 -23.86
C GLY C 30 0.37 1.32 -23.90
N VAL C 31 -0.26 2.37 -23.36
CA VAL C 31 0.36 3.69 -23.22
C VAL C 31 0.12 4.18 -21.81
N PHE C 32 1.18 4.62 -21.13
CA PHE C 32 0.92 5.13 -19.79
C PHE C 32 1.67 6.41 -19.45
N ASP C 33 1.04 7.14 -18.55
CA ASP C 33 1.50 8.43 -18.09
C ASP C 33 0.97 8.65 -16.69
N SER C 34 1.38 9.75 -16.07
CA SER C 34 0.83 10.10 -14.77
C SER C 34 -0.60 10.63 -14.86
N GLY C 35 -1.05 11.09 -16.03
CA GLY C 35 -2.37 11.68 -16.10
C GLY C 35 -2.84 11.99 -17.51
N VAL C 36 -3.35 13.21 -17.75
CA VAL C 36 -3.84 13.58 -19.09
C VAL C 36 -2.73 14.06 -20.00
N GLY C 37 -1.59 14.45 -19.46
CA GLY C 37 -0.55 15.05 -20.29
C GLY C 37 -0.13 14.12 -21.41
N GLY C 38 -0.06 12.82 -21.12
CA GLY C 38 0.38 11.85 -22.12
C GLY C 38 -0.56 11.66 -23.30
N LEU C 39 -1.76 12.23 -23.23
CA LEU C 39 -2.65 12.20 -24.38
C LEU C 39 -2.04 12.89 -25.61
N THR C 40 -1.02 13.72 -25.43
CA THR C 40 -0.31 14.25 -26.59
C THR C 40 0.42 13.13 -27.30
N VAL C 41 0.97 12.19 -26.54
CA VAL C 41 1.61 11.05 -27.18
C VAL C 41 0.57 10.13 -27.79
N LEU C 42 -0.52 9.88 -27.06
CA LEU C 42 -1.60 9.06 -27.60
C LEU C 42 -2.08 9.62 -28.93
N LYS C 43 -2.34 10.95 -28.97
CA LYS C 43 -2.80 11.58 -30.21
C LYS C 43 -1.81 11.38 -31.37
N ALA C 44 -0.52 11.65 -31.14
CA ALA C 44 0.45 11.44 -32.22
C ALA C 44 0.46 10.00 -32.69
N LEU C 45 0.31 9.04 -31.76
CA LEU C 45 0.29 7.62 -32.12
C LEU C 45 -0.94 7.29 -32.95
N ARG C 46 -2.09 7.81 -32.57
CA ARG C 46 -3.33 7.46 -33.24
C ARG C 46 -3.32 8.00 -34.67
N ARG C 47 -2.77 9.19 -34.85
CA ARG C 47 -2.64 9.76 -36.19
C ARG C 47 -1.82 8.87 -37.11
N LEU C 48 -0.69 8.33 -36.61
CA LEU C 48 0.13 7.44 -37.43
C LEU C 48 -0.39 6.03 -37.50
N LEU C 49 -1.25 5.61 -36.56
CA LEU C 49 -1.69 4.22 -36.48
C LEU C 49 -3.18 4.19 -36.18
N PRO C 50 -3.99 4.71 -37.09
CA PRO C 50 -5.43 4.89 -36.78
C PRO C 50 -6.17 3.60 -36.62
N ARG C 51 -5.62 2.47 -37.00
CA ARG C 51 -6.36 1.21 -36.86
C ARG C 51 -6.04 0.44 -35.58
N GLU C 52 -5.07 0.89 -34.79
CA GLU C 52 -4.70 0.15 -33.59
C GLU C 52 -5.70 0.38 -32.46
N GLU C 53 -5.74 -0.59 -31.56
CA GLU C 53 -6.46 -0.47 -30.30
C GLU C 53 -5.45 -0.02 -29.26
N PHE C 54 -5.76 1.07 -28.55
CA PHE C 54 -4.90 1.58 -27.51
C PHE C 54 -5.56 1.39 -26.14
N LEU C 55 -4.73 1.06 -25.13
CA LEU C 55 -5.15 1.11 -23.73
C LEU C 55 -4.32 2.22 -23.08
N TYR C 56 -4.96 3.32 -22.69
CA TYR C 56 -4.24 4.46 -22.13
C TYR C 56 -4.43 4.41 -20.64
N PHE C 57 -3.34 4.37 -19.90
CA PHE C 57 -3.36 4.29 -18.44
C PHE C 57 -2.86 5.62 -17.90
N GLY C 58 -3.71 6.37 -17.20
CA GLY C 58 -3.29 7.60 -16.53
C GLY C 58 -3.35 7.43 -15.02
N ASP C 59 -2.21 7.59 -14.34
CA ASP C 59 -2.11 7.34 -12.90
C ASP C 59 -2.51 8.59 -12.09
N THR C 60 -3.73 9.04 -12.30
CA THR C 60 -4.20 10.31 -11.75
C THR C 60 -4.30 10.29 -10.24
N ALA C 61 -4.30 9.13 -9.59
CA ALA C 61 -4.28 9.14 -8.12
C ALA C 61 -2.93 9.59 -7.57
N ARG C 62 -1.86 9.53 -8.38
CA ARG C 62 -0.52 9.79 -7.87
C ARG C 62 0.17 10.85 -8.71
N VAL C 63 -0.56 11.46 -9.65
CA VAL C 63 -0.05 12.63 -10.39
C VAL C 63 0.22 13.76 -9.40
N PRO C 64 1.26 14.60 -9.59
CA PRO C 64 2.29 14.50 -10.63
C PRO C 64 3.50 13.75 -10.15
N TYR C 65 4.21 13.23 -11.12
CA TYR C 65 5.45 12.52 -10.86
C TYR C 65 6.68 13.46 -10.75
N GLY C 66 6.61 14.68 -11.30
CA GLY C 66 7.82 15.46 -11.49
C GLY C 66 8.54 15.84 -10.21
N GLY C 67 7.81 15.92 -9.09
CA GLY C 67 8.34 16.24 -7.78
C GLY C 67 8.54 15.06 -6.87
N LYS C 68 8.39 13.84 -7.37
CA LYS C 68 8.59 12.67 -6.56
C LYS C 68 10.02 12.14 -6.68
N PRO C 69 10.45 11.32 -5.76
CA PRO C 69 11.74 10.63 -5.90
C PRO C 69 11.72 9.71 -7.11
N LEU C 70 12.78 9.79 -7.90
CA LEU C 70 12.88 8.99 -9.10
C LEU C 70 12.69 7.49 -8.84
N ALA C 71 13.23 6.97 -7.74
CA ALA C 71 13.07 5.55 -7.46
C ALA C 71 11.62 5.19 -7.17
N MET C 72 10.85 6.12 -6.61
CA MET C 72 9.42 5.88 -6.41
C MET C 72 8.70 5.82 -7.75
N VAL C 73 8.99 6.78 -8.64
CA VAL C 73 8.41 6.72 -10.00
C VAL C 73 8.82 5.42 -10.70
N ARG C 74 10.06 4.97 -10.50
CA ARG C 74 10.49 3.72 -11.12
C ARG C 74 9.63 2.53 -10.66
N ARG C 75 9.24 2.51 -9.39
CA ARG C 75 8.37 1.45 -8.89
C ARG C 75 6.95 1.57 -9.46
N PHE C 76 6.41 2.78 -9.53
CA PHE C 76 5.16 2.97 -10.24
C PHE C 76 5.18 2.36 -11.63
N ALA C 77 6.21 2.66 -12.40
CA ALA C 77 6.23 2.17 -13.77
C ALA C 77 6.23 0.66 -13.84
N TRP C 78 6.97 0.01 -12.93
CA TRP C 78 6.99 -1.45 -12.91
C TRP C 78 5.58 -1.99 -12.65
N GLU C 79 4.90 -1.40 -11.68
CA GLU C 79 3.56 -1.79 -11.27
C GLU C 79 2.59 -1.67 -12.43
N ILE C 80 2.63 -0.52 -13.10
CA ILE C 80 1.70 -0.25 -14.20
C ILE C 80 2.04 -1.12 -15.41
N ALA C 81 3.32 -1.36 -15.66
CA ALA C 81 3.66 -2.23 -16.78
C ALA C 81 3.10 -3.62 -16.54
N GLY C 82 3.21 -4.11 -15.31
CA GLY C 82 2.66 -5.42 -15.01
C GLY C 82 1.17 -5.49 -15.26
N PHE C 83 0.46 -4.45 -14.83
CA PHE C 83 -0.97 -4.37 -15.04
C PHE C 83 -1.30 -4.43 -16.52
N LEU C 84 -0.57 -3.64 -17.33
CA LEU C 84 -0.82 -3.64 -18.76
C LEU C 84 -0.52 -5.01 -19.36
N LEU C 85 0.52 -5.70 -18.88
CA LEU C 85 0.79 -7.03 -19.42
C LEU C 85 -0.32 -8.02 -19.06
N ARG C 86 -0.88 -7.89 -17.87
CA ARG C 86 -1.98 -8.78 -17.52
C ARG C 86 -3.21 -8.49 -18.35
N GLN C 87 -3.32 -7.30 -18.94
CA GLN C 87 -4.42 -6.98 -19.85
C GLN C 87 -4.19 -7.52 -21.26
N GLY C 88 -3.01 -8.05 -21.55
CA GLY C 88 -2.69 -8.64 -22.86
C GLY C 88 -2.10 -7.70 -23.90
N VAL C 89 -1.46 -6.62 -23.50
CA VAL C 89 -0.91 -5.72 -24.52
C VAL C 89 0.25 -6.42 -25.23
N LYS C 90 0.48 -6.00 -26.48
CA LYS C 90 1.59 -6.48 -27.29
C LYS C 90 2.78 -5.54 -27.25
N ALA C 91 2.60 -4.33 -26.71
CA ALA C 91 3.68 -3.39 -26.59
C ALA C 91 3.30 -2.36 -25.54
N ILE C 92 4.33 -1.67 -25.01
CA ILE C 92 4.16 -0.65 -23.99
C ILE C 92 4.87 0.63 -24.40
N VAL C 93 4.15 1.76 -24.36
CA VAL C 93 4.75 3.07 -24.55
C VAL C 93 4.67 3.84 -23.23
N VAL C 94 5.82 4.26 -22.71
CA VAL C 94 5.94 5.18 -21.58
C VAL C 94 5.83 6.61 -22.12
N ALA C 95 4.62 7.17 -22.09
CA ALA C 95 4.39 8.49 -22.66
C ALA C 95 4.95 9.60 -21.77
N CYS C 96 5.08 9.33 -20.49
CA CYS C 96 5.59 10.28 -19.49
C CYS C 96 7.11 10.44 -19.61
N ASN C 97 7.60 11.68 -19.67
CA ASN C 97 9.04 11.90 -19.69
C ASN C 97 9.67 11.62 -18.34
N THR C 98 8.94 11.90 -17.25
CA THR C 98 9.49 11.61 -15.93
C THR C 98 9.63 10.11 -15.70
N ALA C 99 8.61 9.33 -16.08
CA ALA C 99 8.66 7.87 -15.88
C ALA C 99 9.67 7.23 -16.81
N SER C 100 9.77 7.73 -18.05
CA SER C 100 10.83 7.29 -18.95
C SER C 100 12.21 7.51 -18.34
N SER C 101 12.42 8.72 -17.78
CA SER C 101 13.69 9.03 -17.16
C SER C 101 13.97 8.09 -15.99
N ALA C 102 12.94 7.76 -15.21
CA ALA C 102 13.10 6.94 -14.00
C ALA C 102 13.34 5.49 -14.34
N ALA C 103 12.69 4.98 -15.37
CA ALA C 103 12.58 3.54 -15.55
C ALA C 103 13.25 2.98 -16.79
N LEU C 104 13.52 3.81 -17.81
CA LEU C 104 14.19 3.33 -19.01
C LEU C 104 15.65 3.74 -18.99
N PRO C 105 16.55 2.92 -19.56
CA PRO C 105 16.28 1.76 -20.42
C PRO C 105 15.98 0.41 -19.75
N ASP C 106 16.15 0.35 -18.42
CA ASP C 106 16.03 -0.93 -17.72
C ASP C 106 14.71 -1.66 -18.01
N LEU C 107 13.59 -0.94 -18.08
CA LEU C 107 12.31 -1.60 -18.25
C LEU C 107 12.25 -2.31 -19.58
N ALA C 108 12.80 -1.69 -20.63
CA ALA C 108 12.85 -2.30 -21.94
C ALA C 108 13.80 -3.49 -21.96
N GLU C 109 14.89 -3.41 -21.21
CA GLU C 109 15.77 -4.57 -21.12
C GLU C 109 15.11 -5.73 -20.38
N ASP C 110 14.25 -5.44 -19.39
CA ASP C 110 13.72 -6.46 -18.50
C ASP C 110 12.49 -7.16 -19.02
N LEU C 111 11.79 -6.55 -19.99
CA LEU C 111 10.54 -7.06 -20.50
C LEU C 111 10.69 -7.59 -21.93
N SER C 112 9.93 -8.64 -22.23
CA SER C 112 9.95 -9.28 -23.54
C SER C 112 9.21 -8.50 -24.60
N VAL C 113 8.12 -7.87 -24.22
CA VAL C 113 7.31 -7.13 -25.18
C VAL C 113 8.11 -5.89 -25.58
N PRO C 114 7.98 -5.34 -26.79
CA PRO C 114 8.68 -4.09 -27.07
C PRO C 114 8.18 -2.98 -26.15
N VAL C 115 9.14 -2.23 -25.60
CA VAL C 115 8.89 -1.10 -24.70
C VAL C 115 9.53 0.13 -25.29
N PHE C 116 8.75 1.20 -25.36
CA PHE C 116 9.16 2.48 -25.92
C PHE C 116 8.98 3.62 -24.90
N GLY C 117 9.90 4.58 -24.90
CA GLY C 117 9.77 5.77 -24.09
C GLY C 117 9.89 7.04 -24.92
N VAL C 118 9.85 8.18 -24.22
CA VAL C 118 9.89 9.47 -24.89
C VAL C 118 11.21 10.18 -24.71
N VAL C 119 12.21 9.54 -24.10
CA VAL C 119 13.54 10.13 -23.99
C VAL C 119 14.35 9.90 -25.26
N GLU C 120 14.54 8.63 -25.62
CA GLU C 120 15.55 8.34 -26.65
C GLU C 120 15.23 8.93 -28.02
N PRO C 121 14.00 8.88 -28.53
CA PRO C 121 13.80 9.38 -29.90
C PRO C 121 14.17 10.85 -30.06
N ALA C 122 13.84 11.68 -29.08
CA ALA C 122 14.14 13.11 -29.16
C ALA C 122 15.61 13.38 -28.88
N ALA C 123 16.23 12.62 -27.98
CA ALA C 123 17.68 12.69 -27.83
C ALA C 123 18.37 12.31 -29.14
N ARG C 124 17.92 11.25 -29.80
CA ARG C 124 18.50 10.90 -31.10
C ARG C 124 18.46 12.09 -32.05
N ALA C 125 17.25 12.62 -32.30
CA ALA C 125 17.13 13.77 -33.19
C ALA C 125 18.01 14.94 -32.76
N ALA C 126 18.21 15.11 -31.46
CA ALA C 126 19.03 16.22 -30.99
C ALA C 126 20.48 16.04 -31.38
N ARG C 127 20.89 14.81 -31.67
CA ARG C 127 22.30 14.61 -31.96
C ARG C 127 22.72 15.27 -33.25
N GLY C 128 21.75 15.70 -34.08
CA GLY C 128 22.03 16.47 -35.28
C GLY C 128 22.09 17.97 -35.07
N PHE C 129 22.55 18.41 -33.90
CA PHE C 129 22.67 19.82 -33.59
C PHE C 129 23.90 20.00 -32.72
N ARG C 130 24.52 21.17 -32.81
CA ARG C 130 25.76 21.40 -32.06
C ARG C 130 25.49 21.78 -30.61
N LYS C 131 24.45 22.57 -30.34
CA LYS C 131 24.14 23.01 -28.97
C LYS C 131 22.69 22.71 -28.66
N VAL C 132 22.48 21.81 -27.68
CA VAL C 132 21.16 21.25 -27.37
C VAL C 132 20.78 21.65 -25.97
N GLY C 133 19.55 22.09 -25.79
CA GLY C 133 18.99 22.28 -24.47
C GLY C 133 17.88 21.28 -24.11
N LEU C 134 17.64 21.14 -22.81
CA LEU C 134 16.53 20.33 -22.30
C LEU C 134 15.70 21.14 -21.31
N ILE C 135 14.37 21.08 -21.44
CA ILE C 135 13.47 21.51 -20.37
C ILE C 135 12.58 20.33 -19.98
N GLY C 136 12.28 20.23 -18.68
CA GLY C 136 11.40 19.19 -18.18
C GLY C 136 11.06 19.40 -16.71
N THR C 137 10.49 18.36 -16.10
CA THR C 137 10.27 18.38 -14.68
C THR C 137 11.60 18.34 -13.95
N GLN C 138 11.53 18.67 -12.66
CA GLN C 138 12.68 18.50 -11.77
C GLN C 138 13.24 17.08 -11.83
N ALA C 139 12.36 16.07 -11.75
CA ALA C 139 12.85 14.70 -11.76
C ALA C 139 13.59 14.41 -13.06
N THR C 140 13.01 14.82 -14.18
CA THR C 140 13.60 14.56 -15.46
C THR C 140 14.98 15.21 -15.59
N VAL C 141 15.08 16.50 -15.27
CA VAL C 141 16.37 17.15 -15.52
C VAL C 141 17.40 16.63 -14.53
N GLU C 142 16.99 16.31 -13.32
CA GLU C 142 17.97 15.85 -12.35
C GLU C 142 18.30 14.37 -12.49
N SER C 143 17.61 13.64 -13.35
CA SER C 143 17.84 12.23 -13.51
C SER C 143 19.11 11.91 -14.28
N GLY C 144 19.56 12.79 -15.16
CA GLY C 144 20.63 12.43 -16.05
C GLY C 144 20.25 11.47 -17.13
N ALA C 145 18.95 11.20 -17.34
CA ALA C 145 18.58 10.29 -18.41
C ALA C 145 18.99 10.82 -19.78
N TYR C 146 18.80 12.09 -20.03
CA TYR C 146 19.03 12.63 -21.37
C TYR C 146 20.53 12.63 -21.68
N PRO C 147 21.40 13.05 -20.76
CA PRO C 147 22.85 13.02 -21.02
C PRO C 147 23.40 11.66 -21.40
N ARG C 148 22.66 10.60 -21.13
CA ARG C 148 23.09 9.30 -21.55
C ARG C 148 23.00 9.11 -23.05
N TYR C 149 22.14 9.86 -23.71
CA TYR C 149 21.93 9.75 -25.15
C TYR C 149 22.39 10.96 -25.97
N VAL C 150 22.60 12.11 -25.34
CA VAL C 150 22.96 13.30 -26.10
C VAL C 150 23.62 14.27 -25.14
N ASP C 151 24.68 14.93 -25.63
CA ASP C 151 25.37 15.95 -24.83
C ASP C 151 24.52 17.21 -24.75
N LEU C 152 24.37 17.75 -23.54
CA LEU C 152 23.51 18.90 -23.30
C LEU C 152 24.33 20.12 -22.92
N ALA C 153 24.08 21.24 -23.61
CA ALA C 153 24.65 22.53 -23.24
C ALA C 153 23.92 23.23 -22.07
N TRP C 154 22.66 22.89 -21.83
CA TRP C 154 21.86 23.59 -20.84
C TRP C 154 20.62 22.75 -20.52
N ALA C 155 20.24 22.71 -19.26
CA ALA C 155 19.05 21.99 -18.83
C ALA C 155 18.36 22.77 -17.72
N LYS C 156 17.02 22.73 -17.70
CA LYS C 156 16.32 23.58 -16.77
C LYS C 156 14.93 23.00 -16.45
N ALA C 157 14.66 22.86 -15.18
CA ALA C 157 13.36 22.39 -14.70
C ALA C 157 12.38 23.55 -14.75
N CYS C 158 11.18 23.31 -15.30
CA CYS C 158 10.18 24.35 -15.54
C CYS C 158 8.84 24.03 -14.88
N PRO C 159 8.81 23.95 -13.54
CA PRO C 159 7.62 23.38 -12.84
C PRO C 159 6.27 24.00 -13.20
N LEU C 160 6.22 25.29 -13.49
CA LEU C 160 4.94 25.95 -13.66
C LEU C 160 4.30 25.66 -15.01
N PHE C 161 5.08 25.16 -15.98
CA PHE C 161 4.53 24.85 -17.29
C PHE C 161 3.38 23.84 -17.23
N VAL C 162 3.51 22.77 -16.44
CA VAL C 162 2.44 21.76 -16.41
C VAL C 162 1.13 22.37 -15.96
N PRO C 163 1.04 23.04 -14.82
CA PRO C 163 -0.26 23.55 -14.40
C PRO C 163 -0.77 24.68 -15.28
N LEU C 164 0.14 25.49 -15.83
CA LEU C 164 -0.27 26.51 -16.78
C LEU C 164 -1.03 25.90 -17.96
N VAL C 165 -0.52 24.78 -18.49
CA VAL C 165 -1.20 24.04 -19.57
C VAL C 165 -2.52 23.45 -19.08
N GLU C 166 -2.52 22.75 -17.93
CA GLU C 166 -3.77 22.16 -17.47
C GLU C 166 -4.83 23.21 -17.15
N GLU C 167 -4.44 24.45 -16.85
CA GLU C 167 -5.38 25.53 -16.60
C GLU C 167 -5.79 26.23 -17.89
N GLY C 168 -5.34 25.75 -19.04
CA GLY C 168 -5.83 26.30 -20.29
C GLY C 168 -5.20 27.61 -20.74
N LEU C 169 -4.04 28.00 -20.19
CA LEU C 169 -3.50 29.34 -20.37
C LEU C 169 -2.30 29.38 -21.33
N TRP C 170 -2.10 28.36 -22.14
CA TRP C 170 -0.86 28.23 -22.89
C TRP C 170 -0.69 29.32 -23.95
N ASP C 171 -1.78 29.93 -24.39
CA ASP C 171 -1.74 30.97 -25.40
C ASP C 171 -1.94 32.35 -24.81
N ASP C 172 -1.94 32.49 -23.50
CA ASP C 172 -2.21 33.79 -22.90
C ASP C 172 -0.90 34.52 -22.63
N PRO C 173 -0.95 35.85 -22.45
CA PRO C 173 0.29 36.55 -22.06
C PRO C 173 1.03 35.94 -20.88
N VAL C 174 0.32 35.44 -19.88
CA VAL C 174 1.00 34.87 -18.72
C VAL C 174 1.98 33.79 -19.16
N ALA C 175 1.62 33.01 -20.16
CA ALA C 175 2.49 31.90 -20.58
C ALA C 175 3.81 32.43 -21.15
N LEU C 176 3.73 33.49 -21.96
CA LEU C 176 4.94 34.12 -22.49
C LEU C 176 5.80 34.63 -21.35
N LEU C 177 5.18 35.23 -20.32
CA LEU C 177 5.98 35.71 -19.20
C LEU C 177 6.63 34.56 -18.45
N VAL C 178 5.91 33.45 -18.29
CA VAL C 178 6.49 32.33 -17.53
C VAL C 178 7.61 31.69 -18.34
N ALA C 179 7.41 31.57 -19.65
CA ALA C 179 8.47 31.08 -20.51
C ALA C 179 9.70 31.97 -20.39
N ARG C 180 9.51 33.30 -20.37
CA ARG C 180 10.66 34.19 -20.23
C ARG C 180 11.36 33.96 -18.92
N HIS C 181 10.59 33.78 -17.85
CA HIS C 181 11.18 33.53 -16.54
C HIS C 181 12.10 32.32 -16.53
N TYR C 182 11.73 31.24 -17.23
CA TYR C 182 12.54 30.02 -17.17
C TYR C 182 13.64 30.00 -18.23
N LEU C 183 13.41 30.60 -19.39
CA LEU C 183 14.28 30.43 -20.54
C LEU C 183 15.20 31.62 -20.79
N GLU C 184 15.17 32.63 -19.92
CA GLU C 184 15.97 33.84 -20.15
C GLU C 184 17.48 33.54 -20.14
N ASP C 185 17.96 32.77 -19.17
N ASP C 185 17.95 32.76 -19.17
CA ASP C 185 19.39 32.47 -19.03
CA ASP C 185 19.37 32.44 -19.01
C ASP C 185 19.87 31.40 -20.01
C ASP C 185 19.83 31.31 -19.94
N ALA C 186 19.06 30.98 -20.95
CA ALA C 186 19.48 29.95 -21.89
C ALA C 186 20.59 30.50 -22.79
N PRO C 187 21.61 29.70 -23.11
CA PRO C 187 22.69 30.21 -23.96
C PRO C 187 22.18 30.80 -25.27
N LYS C 188 22.74 31.95 -25.65
CA LYS C 188 22.35 32.63 -26.88
C LYS C 188 22.59 31.74 -28.11
N ASP C 189 23.53 30.80 -28.03
CA ASP C 189 23.89 29.97 -29.17
C ASP C 189 23.19 28.59 -29.19
N LEU C 190 22.11 28.38 -28.42
CA LEU C 190 21.35 27.13 -28.54
C LEU C 190 20.77 26.98 -29.93
N GLU C 191 20.92 25.77 -30.50
CA GLU C 191 20.31 25.42 -31.76
C GLU C 191 19.05 24.57 -31.64
N ALA C 192 18.90 23.79 -30.58
CA ALA C 192 17.71 22.96 -30.41
C ALA C 192 17.35 22.87 -28.92
N LEU C 193 16.04 22.68 -28.66
CA LEU C 193 15.50 22.54 -27.30
C LEU C 193 14.62 21.29 -27.26
N ILE C 194 14.96 20.36 -26.38
CA ILE C 194 14.10 19.19 -26.19
C ILE C 194 12.95 19.58 -25.25
N LEU C 195 11.73 19.39 -25.74
CA LEU C 195 10.53 19.66 -24.95
C LEU C 195 10.28 18.37 -24.15
N GLY C 196 11.04 18.20 -23.07
CA GLY C 196 11.05 16.89 -22.39
C GLY C 196 10.00 16.69 -21.31
N CYS C 197 8.74 16.96 -21.69
CA CYS C 197 7.56 16.84 -20.83
C CYS C 197 6.32 16.71 -21.71
N THR C 198 5.38 15.83 -21.30
CA THR C 198 4.15 15.55 -22.08
C THR C 198 3.38 16.83 -22.42
N HIS C 199 3.38 17.79 -21.54
CA HIS C 199 2.50 18.93 -21.69
C HIS C 199 3.09 20.00 -22.62
N TYR C 200 4.37 19.94 -22.91
CA TYR C 200 5.02 21.14 -23.43
C TYR C 200 4.72 21.42 -24.91
N PRO C 201 4.24 20.45 -25.70
CA PRO C 201 3.81 20.81 -27.06
C PRO C 201 2.76 21.90 -27.10
N PHE C 202 1.92 22.02 -26.06
CA PHE C 202 0.96 23.11 -25.98
C PHE C 202 1.62 24.49 -25.90
N LEU C 203 2.88 24.58 -25.52
CA LEU C 203 3.50 25.86 -25.24
C LEU C 203 4.49 26.29 -26.32
N LYS C 204 4.42 25.68 -27.52
CA LYS C 204 5.38 26.00 -28.59
C LYS C 204 5.35 27.49 -28.95
N GLY C 205 4.17 28.09 -29.00
CA GLY C 205 4.09 29.53 -29.29
C GLY C 205 4.87 30.35 -28.29
N ALA C 206 4.58 30.18 -27.00
CA ALA C 206 5.23 30.99 -25.99
C ALA C 206 6.73 30.73 -25.92
N ILE C 207 7.12 29.46 -26.06
CA ILE C 207 8.54 29.14 -26.00
C ILE C 207 9.27 29.67 -27.23
N GLY C 208 8.70 29.45 -28.42
CA GLY C 208 9.29 30.01 -29.64
C GLY C 208 9.44 31.53 -29.60
N ALA C 209 8.42 32.24 -29.13
CA ALA C 209 8.52 33.69 -29.06
C ALA C 209 9.70 34.13 -28.22
N VAL C 210 10.00 33.37 -27.17
CA VAL C 210 11.08 33.74 -26.27
C VAL C 210 12.44 33.18 -26.70
N LEU C 211 12.46 32.10 -27.49
CA LEU C 211 13.69 31.48 -27.98
C LEU C 211 13.57 31.39 -29.49
N PRO C 212 13.52 32.54 -30.16
CA PRO C 212 13.41 32.51 -31.62
C PRO C 212 14.64 31.85 -32.22
N GLY C 213 14.42 31.17 -33.33
CA GLY C 213 15.48 30.51 -34.04
C GLY C 213 15.84 29.10 -33.57
N VAL C 214 15.29 28.64 -32.45
CA VAL C 214 15.71 27.38 -31.82
C VAL C 214 14.74 26.29 -32.23
N ALA C 215 15.26 25.21 -32.80
CA ALA C 215 14.42 24.06 -33.13
C ALA C 215 13.87 23.44 -31.86
N LEU C 216 12.54 23.26 -31.83
CA LEU C 216 11.84 22.68 -30.68
C LEU C 216 11.47 21.23 -31.01
N LEU C 217 12.03 20.28 -30.27
CA LEU C 217 11.86 18.87 -30.56
C LEU C 217 10.73 18.29 -29.73
N ASP C 218 9.71 17.77 -30.40
CA ASP C 218 8.47 17.33 -29.76
C ASP C 218 8.59 15.84 -29.43
N SER C 219 8.49 15.52 -28.13
CA SER C 219 8.63 14.12 -27.69
C SER C 219 7.53 13.23 -28.26
N ALA C 220 6.31 13.75 -28.30
CA ALA C 220 5.19 12.96 -28.77
C ALA C 220 5.39 12.52 -30.22
N GLU C 221 5.76 13.43 -31.10
CA GLU C 221 5.78 13.05 -32.52
C GLU C 221 6.98 12.15 -32.84
N LEU C 222 8.12 12.46 -32.27
CA LEU C 222 9.31 11.66 -32.50
C LEU C 222 9.16 10.26 -31.93
N THR C 223 8.52 10.13 -30.77
CA THR C 223 8.24 8.79 -30.23
C THR C 223 7.21 8.05 -31.07
N ALA C 224 6.12 8.73 -31.47
CA ALA C 224 5.11 8.03 -32.27
C ALA C 224 5.69 7.53 -33.58
N GLN C 225 6.66 8.23 -34.12
CA GLN C 225 7.32 7.83 -35.34
C GLN C 225 8.12 6.58 -35.12
N GLU C 226 8.88 6.57 -34.04
CA GLU C 226 9.68 5.39 -33.69
C GLU C 226 8.79 4.18 -33.40
N VAL C 227 7.70 4.35 -32.68
CA VAL C 227 6.85 3.22 -32.35
C VAL C 227 6.27 2.62 -33.63
N ALA C 228 5.73 3.47 -34.50
CA ALA C 228 5.11 2.99 -35.73
C ALA C 228 6.12 2.22 -36.57
N ARG C 229 7.34 2.74 -36.64
CA ARG C 229 8.40 2.08 -37.40
C ARG C 229 8.73 0.72 -36.84
N ALA C 230 9.09 0.67 -35.56
CA ALA C 230 9.55 -0.58 -34.94
C ALA C 230 8.46 -1.63 -34.95
N LEU C 231 7.22 -1.23 -34.73
CA LEU C 231 6.16 -2.22 -34.69
C LEU C 231 5.91 -2.79 -36.09
N GLU C 232 5.81 -1.94 -37.12
CA GLU C 232 5.75 -2.47 -38.48
C GLU C 232 6.92 -3.43 -38.75
N ALA C 233 8.13 -3.02 -38.38
CA ALA C 233 9.33 -3.85 -38.61
C ALA C 233 9.26 -5.20 -37.92
N GLU C 234 8.49 -5.36 -36.86
CA GLU C 234 8.43 -6.66 -36.19
C GLU C 234 7.17 -7.43 -36.52
N GLY C 235 6.38 -6.95 -37.46
CA GLY C 235 5.17 -7.64 -37.82
C GLY C 235 4.09 -7.58 -36.77
N LEU C 236 4.08 -6.52 -35.96
CA LEU C 236 3.14 -6.40 -34.85
C LEU C 236 2.02 -5.41 -35.10
N LEU C 237 1.90 -4.87 -36.31
CA LEU C 237 0.78 -3.97 -36.60
C LEU C 237 -0.45 -4.76 -37.06
N ASN C 238 -1.61 -4.24 -36.70
CA ASN C 238 -2.85 -4.89 -37.08
C ASN C 238 -3.39 -4.22 -38.32
N PRO C 239 -3.41 -4.91 -39.47
CA PRO C 239 -3.71 -4.21 -40.72
C PRO C 239 -5.16 -3.77 -40.85
N GLU C 240 -6.13 -4.59 -40.43
CA GLU C 240 -7.53 -4.36 -40.78
C GLU C 240 -8.39 -3.99 -39.56
N GLY C 241 -7.78 -3.56 -38.45
CA GLY C 241 -8.52 -3.24 -37.24
C GLY C 241 -9.36 -1.97 -37.34
N ARG C 242 -10.24 -1.80 -36.36
CA ARG C 242 -11.04 -0.57 -36.21
C ARG C 242 -10.51 0.15 -34.97
N GLY C 243 -9.84 1.27 -35.18
CA GLY C 243 -9.12 1.91 -34.10
C GLY C 243 -10.04 2.38 -32.99
N ARG C 244 -9.55 2.26 -31.75
CA ARG C 244 -10.27 2.83 -30.62
C ARG C 244 -9.37 2.83 -29.39
N THR C 245 -9.82 3.53 -28.39
CA THR C 245 -9.05 3.73 -27.19
C THR C 245 -9.90 3.44 -25.98
N PHE C 246 -9.32 2.71 -25.03
CA PHE C 246 -9.90 2.54 -23.72
C PHE C 246 -9.00 3.23 -22.70
N HIS C 247 -9.59 3.98 -21.78
CA HIS C 247 -8.87 4.72 -20.77
C HIS C 247 -9.03 4.02 -19.42
N LEU C 248 -7.96 4.03 -18.64
CA LEU C 248 -7.89 3.40 -17.32
C LEU C 248 -7.23 4.41 -16.41
N VAL C 249 -7.85 4.78 -15.30
CA VAL C 249 -7.21 5.75 -14.43
C VAL C 249 -7.31 5.26 -12.99
N THR C 250 -6.37 5.70 -12.17
CA THR C 250 -6.38 5.26 -10.76
C THR C 250 -7.18 6.23 -9.88
N GLY C 251 -7.41 7.44 -10.34
CA GLY C 251 -8.22 8.43 -9.66
C GLY C 251 -9.65 8.50 -10.17
N ASP C 252 -10.28 9.62 -9.97
CA ASP C 252 -11.69 9.69 -10.31
C ASP C 252 -11.87 9.78 -11.82
N PRO C 253 -12.71 8.93 -12.43
CA PRO C 253 -12.81 8.96 -13.91
C PRO C 253 -13.45 10.22 -14.45
N GLU C 254 -14.46 10.76 -13.77
CA GLU C 254 -15.10 11.98 -14.28
C GLU C 254 -14.17 13.17 -14.16
N ALA C 255 -13.41 13.27 -13.07
CA ALA C 255 -12.42 14.35 -12.99
C ALA C 255 -11.45 14.29 -14.19
N TYR C 256 -11.05 13.09 -14.57
CA TYR C 256 -10.11 12.91 -15.68
C TYR C 256 -10.74 13.28 -17.01
N ARG C 257 -11.97 12.83 -17.23
CA ARG C 257 -12.68 13.15 -18.46
C ARG C 257 -12.81 14.66 -18.67
N ALA C 258 -13.13 15.40 -17.61
CA ALA C 258 -13.18 16.87 -17.67
C ALA C 258 -11.83 17.47 -18.04
N LEU C 259 -10.76 17.02 -17.41
CA LEU C 259 -9.47 17.61 -17.72
C LEU C 259 -9.03 17.26 -19.13
N ALA C 260 -9.31 16.03 -19.57
CA ALA C 260 -8.90 15.62 -20.90
C ALA C 260 -9.57 16.48 -21.96
N GLU C 261 -10.84 16.83 -21.74
CA GLU C 261 -11.55 17.69 -22.67
C GLU C 261 -10.90 19.08 -22.69
N ARG C 262 -10.52 19.61 -21.52
CA ARG C 262 -9.84 20.90 -21.55
C ARG C 262 -8.56 20.87 -22.38
N LEU C 263 -7.97 19.69 -22.60
CA LEU C 263 -6.82 19.55 -23.50
C LEU C 263 -7.20 18.93 -24.84
N GLY C 264 -8.48 18.94 -25.20
CA GLY C 264 -8.87 18.52 -26.52
C GLY C 264 -8.93 17.04 -26.80
N GLU C 265 -9.14 16.21 -25.79
CA GLU C 265 -9.36 14.78 -26.01
C GLU C 265 -10.76 14.42 -25.55
N ARG C 266 -11.48 13.69 -26.39
CA ARG C 266 -12.80 13.20 -26.01
C ARG C 266 -12.59 11.80 -25.45
N VAL C 267 -12.80 11.65 -24.14
CA VAL C 267 -12.67 10.35 -23.48
C VAL C 267 -14.04 9.68 -23.51
N GLU C 268 -14.17 8.61 -24.30
CA GLU C 268 -15.43 7.86 -24.32
C GLU C 268 -15.49 6.79 -23.24
N ALA C 269 -14.63 5.78 -23.35
CA ALA C 269 -14.66 4.64 -22.45
C ALA C 269 -13.55 4.83 -21.41
N VAL C 270 -13.92 4.99 -20.14
CA VAL C 270 -12.96 5.08 -19.05
C VAL C 270 -13.50 4.33 -17.83
N ARG C 271 -12.62 3.67 -17.10
CA ARG C 271 -13.02 3.11 -15.82
C ARG C 271 -11.86 3.25 -14.87
N ARG C 272 -12.17 3.19 -13.58
CA ARG C 272 -11.19 3.39 -12.53
C ARG C 272 -10.55 2.05 -12.20
N VAL C 273 -9.24 2.05 -12.14
CA VAL C 273 -8.49 0.89 -11.71
C VAL C 273 -8.04 1.16 -10.29
N SER C 274 -8.37 0.24 -9.39
CA SER C 274 -7.91 0.35 -8.01
C SER C 274 -6.38 0.25 -7.94
N LEU C 275 -5.76 1.12 -7.12
CA LEU C 275 -4.35 0.92 -6.84
C LEU C 275 -4.10 -0.46 -6.18
N GLU C 276 -5.14 -1.10 -5.63
CA GLU C 276 -4.98 -2.48 -5.13
C GLU C 276 -4.79 -3.49 -6.27
N GLU C 277 -5.30 -3.17 -7.46
CA GLU C 277 -5.25 -3.94 -8.70
C GLU C 277 -3.85 -3.98 -9.29
N LEU C 278 -2.90 -3.30 -8.65
CA LEU C 278 -1.60 -3.06 -9.21
C LEU C 278 -0.51 -3.92 -8.55
N LYS D 23 -3.43 13.85 30.88
CA LYS D 23 -2.99 14.98 30.08
C LYS D 23 -1.54 15.36 30.46
N ASP D 24 -0.67 15.47 29.47
CA ASP D 24 0.75 15.75 29.71
C ASP D 24 1.13 17.02 28.95
N PRO D 25 1.33 18.16 29.63
CA PRO D 25 1.70 19.38 28.90
C PRO D 25 3.12 19.37 28.35
N LYS D 26 3.98 18.45 28.79
CA LYS D 26 5.33 18.40 28.23
C LYS D 26 5.34 17.92 26.78
N ALA D 27 4.30 17.24 26.32
CA ALA D 27 4.31 16.59 25.02
C ALA D 27 4.20 17.59 23.88
N PRO D 28 4.60 17.20 22.66
CA PRO D 28 4.56 18.11 21.53
C PRO D 28 3.17 18.25 20.94
N ILE D 29 3.01 19.33 20.15
CA ILE D 29 1.82 19.55 19.35
C ILE D 29 2.13 19.05 17.94
N GLY D 30 1.30 18.16 17.42
CA GLY D 30 1.45 17.72 16.03
C GLY D 30 0.74 18.65 15.08
N VAL D 31 1.39 18.92 13.96
CA VAL D 31 0.85 19.73 12.88
C VAL D 31 1.08 18.97 11.59
N PHE D 32 0.06 18.88 10.73
CA PHE D 32 0.33 18.20 9.48
C PHE D 32 -0.32 18.85 8.27
N ASP D 33 0.34 18.61 7.13
CA ASP D 33 -0.05 19.19 5.87
C ASP D 33 0.45 18.26 4.78
N SER D 34 0.09 18.57 3.53
CA SER D 34 0.61 17.79 2.43
C SER D 34 2.07 18.11 2.15
N GLY D 35 2.60 19.23 2.62
CA GLY D 35 3.95 19.59 2.24
C GLY D 35 4.49 20.78 2.98
N VAL D 36 5.12 21.73 2.26
CA VAL D 36 5.71 22.92 2.89
C VAL D 36 4.68 24.01 3.13
N GLY D 37 3.55 23.98 2.44
CA GLY D 37 2.64 25.11 2.52
C GLY D 37 2.16 25.37 3.94
N GLY D 38 1.90 24.29 4.69
CA GLY D 38 1.44 24.39 6.06
C GLY D 38 2.42 25.03 7.02
N LEU D 39 3.63 25.35 6.55
CA LEU D 39 4.56 26.09 7.39
C LEU D 39 4.04 27.48 7.71
N THR D 40 3.11 28.01 6.90
CA THR D 40 2.48 29.27 7.31
C THR D 40 1.71 29.08 8.61
N VAL D 41 1.06 27.92 8.79
CA VAL D 41 0.34 27.67 10.04
C VAL D 41 1.32 27.46 11.17
N LEU D 42 2.37 26.70 10.92
CA LEU D 42 3.37 26.48 11.96
C LEU D 42 4.00 27.79 12.43
N LYS D 43 4.35 28.68 11.52
CA LYS D 43 4.97 29.95 11.93
C LYS D 43 4.03 30.75 12.82
N ALA D 44 2.79 30.90 12.40
CA ALA D 44 1.81 31.62 13.21
C ALA D 44 1.65 30.97 14.59
N LEU D 45 1.69 29.64 14.67
CA LEU D 45 1.59 28.98 15.96
C LEU D 45 2.82 29.23 16.80
N ARG D 46 3.99 29.15 16.19
CA ARG D 46 5.20 29.30 16.96
C ARG D 46 5.31 30.72 17.50
N ARG D 47 4.78 31.70 16.76
CA ARG D 47 4.81 33.09 17.22
C ARG D 47 4.00 33.24 18.49
N LEU D 48 2.84 32.56 18.58
CA LEU D 48 1.99 32.66 19.76
C LEU D 48 2.43 31.78 20.89
N LEU D 49 3.13 30.68 20.58
CA LEU D 49 3.44 29.62 21.54
C LEU D 49 4.92 29.31 21.43
N PRO D 50 5.77 30.30 21.73
CA PRO D 50 7.22 30.14 21.52
C PRO D 50 7.86 29.10 22.40
N ARG D 51 7.17 28.60 23.40
CA ARG D 51 7.79 27.58 24.23
C ARG D 51 7.28 26.17 23.94
N GLU D 52 6.41 25.97 22.96
CA GLU D 52 5.91 24.62 22.70
C GLU D 52 6.84 23.87 21.76
N GLU D 53 6.87 22.55 21.92
CA GLU D 53 7.55 21.67 20.98
C GLU D 53 6.53 21.27 19.90
N PHE D 54 6.89 21.43 18.63
CA PHE D 54 6.04 21.06 17.50
C PHE D 54 6.65 19.90 16.70
N LEU D 55 5.80 18.96 16.28
CA LEU D 55 6.15 17.93 15.31
C LEU D 55 5.38 18.26 14.05
N TYR D 56 6.08 18.67 13.01
CA TYR D 56 5.46 19.06 11.75
C TYR D 56 5.63 17.93 10.75
N PHE D 57 4.52 17.46 10.22
CA PHE D 57 4.48 16.30 9.33
C PHE D 57 4.04 16.79 7.95
N GLY D 58 4.91 16.67 6.93
CA GLY D 58 4.58 17.04 5.56
C GLY D 58 4.55 15.82 4.66
N ASP D 59 3.38 15.52 4.11
CA ASP D 59 3.19 14.28 3.33
C ASP D 59 3.66 14.50 1.90
N THR D 60 4.94 14.85 1.73
CA THR D 60 5.45 15.28 0.41
C THR D 60 5.48 14.14 -0.61
N ALA D 61 5.39 12.89 -0.20
CA ALA D 61 5.28 11.82 -1.19
C ALA D 61 3.93 11.82 -1.90
N ARG D 62 2.89 12.43 -1.31
CA ARG D 62 1.58 12.38 -1.92
C ARG D 62 1.02 13.79 -2.18
N VAL D 63 1.82 14.84 -2.01
CA VAL D 63 1.42 16.20 -2.36
C VAL D 63 1.24 16.22 -3.88
N PRO D 64 0.31 16.99 -4.44
CA PRO D 64 -0.68 17.77 -3.71
C PRO D 64 -1.98 17.03 -3.47
N TYR D 65 -2.69 17.48 -2.46
CA TYR D 65 -4.00 16.92 -2.10
C TYR D 65 -5.17 17.51 -2.91
N GLY D 66 -5.00 18.70 -3.46
CA GLY D 66 -6.13 19.48 -3.93
C GLY D 66 -6.83 18.91 -5.14
N GLY D 67 -6.15 18.09 -5.92
CA GLY D 67 -6.76 17.39 -7.03
C GLY D 67 -7.03 15.92 -6.81
N LYS D 68 -6.96 15.44 -5.59
CA LYS D 68 -7.32 14.05 -5.31
C LYS D 68 -8.76 13.95 -4.84
N PRO D 69 -9.32 12.75 -4.85
CA PRO D 69 -10.64 12.51 -4.26
C PRO D 69 -10.64 12.82 -2.77
N LEU D 70 -11.69 13.49 -2.35
CA LEU D 70 -11.80 13.90 -0.97
C LEU D 70 -11.73 12.72 0.00
N ALA D 71 -12.33 11.59 -0.38
CA ALA D 71 -12.31 10.41 0.49
C ALA D 71 -10.91 9.82 0.62
N MET D 72 -10.11 9.94 -0.43
CA MET D 72 -8.71 9.53 -0.36
C MET D 72 -7.94 10.41 0.62
N VAL D 73 -8.18 11.72 0.58
CA VAL D 73 -7.49 12.64 1.50
C VAL D 73 -7.93 12.36 2.92
N ARG D 74 -9.21 12.01 3.10
CA ARG D 74 -9.71 11.68 4.44
C ARG D 74 -8.95 10.49 5.03
N ARG D 75 -8.67 9.47 4.23
CA ARG D 75 -7.92 8.33 4.73
C ARG D 75 -6.47 8.70 5.06
N PHE D 76 -5.84 9.54 4.22
CA PHE D 76 -4.51 10.06 4.53
C PHE D 76 -4.51 10.74 5.88
N ALA D 77 -5.52 11.59 6.15
CA ALA D 77 -5.54 12.28 7.43
C ALA D 77 -5.64 11.30 8.61
N TRP D 78 -6.41 10.24 8.44
CA TRP D 78 -6.56 9.25 9.52
C TRP D 78 -5.23 8.57 9.83
N GLU D 79 -4.51 8.16 8.79
CA GLU D 79 -3.28 7.44 9.04
C GLU D 79 -2.20 8.37 9.58
N ILE D 80 -2.18 9.64 9.17
CA ILE D 80 -1.18 10.55 9.71
C ILE D 80 -1.52 10.88 11.15
N ALA D 81 -2.81 11.04 11.46
CA ALA D 81 -3.18 11.29 12.84
C ALA D 81 -2.74 10.13 13.74
N GLY D 82 -2.89 8.90 13.29
CA GLY D 82 -2.46 7.79 14.12
C GLY D 82 -0.95 7.80 14.34
N PHE D 83 -0.20 8.10 13.29
CA PHE D 83 1.25 8.21 13.40
C PHE D 83 1.62 9.27 14.43
N LEU D 84 0.97 10.43 14.40
CA LEU D 84 1.29 11.49 15.35
C LEU D 84 0.93 11.07 16.77
N LEU D 85 -0.16 10.32 16.93
CA LEU D 85 -0.53 9.84 18.27
C LEU D 85 0.45 8.81 18.79
N ARG D 86 1.01 7.97 17.90
CA ARG D 86 2.03 7.04 18.34
C ARG D 86 3.33 7.76 18.70
N GLN D 87 3.52 8.99 18.23
CA GLN D 87 4.67 9.80 18.63
C GLN D 87 4.45 10.52 19.95
N GLY D 88 3.23 10.56 20.44
CA GLY D 88 2.96 11.11 21.77
C GLY D 88 2.37 12.51 21.84
N VAL D 89 1.83 13.04 20.75
CA VAL D 89 1.38 14.43 20.74
C VAL D 89 0.18 14.58 21.67
N LYS D 90 -0.01 15.80 22.16
CA LYS D 90 -1.10 16.13 23.06
C LYS D 90 -2.21 16.88 22.36
N ALA D 91 -2.03 17.15 21.07
CA ALA D 91 -2.99 17.85 20.23
C ALA D 91 -2.54 17.72 18.80
N ILE D 92 -3.49 17.87 17.89
CA ILE D 92 -3.25 17.78 16.46
C ILE D 92 -3.84 19.00 15.76
N VAL D 93 -3.04 19.66 14.91
CA VAL D 93 -3.50 20.72 14.02
C VAL D 93 -3.42 20.23 12.57
N VAL D 94 -4.55 20.21 11.89
CA VAL D 94 -4.65 19.94 10.46
C VAL D 94 -4.42 21.30 9.79
N ALA D 95 -3.18 21.55 9.40
CA ALA D 95 -2.84 22.83 8.80
C ALA D 95 -3.33 22.96 7.36
N CYS D 96 -3.54 21.85 6.68
CA CYS D 96 -4.00 21.81 5.30
C CYS D 96 -5.49 22.12 5.22
N ASN D 97 -5.87 23.04 4.31
CA ASN D 97 -7.29 23.34 4.11
C ASN D 97 -8.01 22.22 3.36
N THR D 98 -7.30 21.51 2.47
CA THR D 98 -7.91 20.37 1.80
C THR D 98 -8.18 19.22 2.78
N ALA D 99 -7.20 18.89 3.64
CA ALA D 99 -7.37 17.78 4.58
C ALA D 99 -8.36 18.13 5.67
N SER D 100 -8.41 19.41 6.07
CA SER D 100 -9.45 19.88 6.99
C SER D 100 -10.82 19.71 6.37
N SER D 101 -10.97 20.13 5.09
CA SER D 101 -12.24 19.99 4.41
C SER D 101 -12.65 18.53 4.31
N ALA D 102 -11.69 17.62 4.11
CA ALA D 102 -12.00 16.22 3.93
C ALA D 102 -12.30 15.47 5.23
N ALA D 103 -11.67 15.87 6.34
CA ALA D 103 -11.60 15.02 7.52
C ALA D 103 -12.23 15.61 8.78
N LEU D 104 -12.49 16.94 8.83
CA LEU D 104 -13.14 17.57 9.96
C LEU D 104 -14.57 17.87 9.58
N PRO D 105 -15.49 17.86 10.56
CA PRO D 105 -15.32 17.73 12.01
C PRO D 105 -15.09 16.32 12.55
N ASP D 106 -15.27 15.34 11.69
CA ASP D 106 -15.29 13.96 12.17
C ASP D 106 -14.03 13.56 12.93
N LEU D 107 -12.85 13.99 12.46
CA LEU D 107 -11.59 13.58 13.11
C LEU D 107 -11.53 14.10 14.54
N ALA D 108 -12.02 15.32 14.74
CA ALA D 108 -12.08 15.89 16.09
C ALA D 108 -13.11 15.18 16.96
N GLU D 109 -14.22 14.78 16.38
CA GLU D 109 -15.23 14.00 17.10
C GLU D 109 -14.71 12.63 17.46
N ASP D 110 -13.86 12.02 16.62
CA ASP D 110 -13.45 10.64 16.80
C ASP D 110 -12.27 10.45 17.73
N LEU D 111 -11.45 11.48 17.93
CA LEU D 111 -10.24 11.38 18.72
C LEU D 111 -10.40 12.09 20.06
N SER D 112 -9.72 11.54 21.07
CA SER D 112 -9.71 12.10 22.42
C SER D 112 -8.88 13.39 22.52
N VAL D 113 -7.70 13.46 21.88
CA VAL D 113 -6.88 14.67 21.99
C VAL D 113 -7.58 15.82 21.27
N PRO D 114 -7.37 17.05 21.69
CA PRO D 114 -7.92 18.16 20.91
C PRO D 114 -7.40 18.10 19.48
N VAL D 115 -8.31 18.28 18.53
CA VAL D 115 -7.99 18.36 17.11
C VAL D 115 -8.49 19.69 16.57
N PHE D 116 -7.62 20.40 15.88
CA PHE D 116 -7.94 21.70 15.30
C PHE D 116 -7.69 21.65 13.81
N GLY D 117 -8.54 22.34 13.07
CA GLY D 117 -8.35 22.51 11.64
C GLY D 117 -8.34 23.97 11.22
N VAL D 118 -8.26 24.23 9.91
CA VAL D 118 -8.12 25.60 9.40
C VAL D 118 -9.37 26.08 8.69
N VAL D 119 -10.48 25.33 8.78
CA VAL D 119 -11.73 25.78 8.17
C VAL D 119 -12.55 26.62 9.15
N GLU D 120 -12.77 26.09 10.35
CA GLU D 120 -13.78 26.70 11.23
C GLU D 120 -13.35 28.08 11.68
N PRO D 121 -12.13 28.30 12.14
CA PRO D 121 -11.79 29.64 12.64
C PRO D 121 -12.00 30.75 11.62
N ALA D 122 -11.60 30.56 10.36
CA ALA D 122 -11.84 31.60 9.37
C ALA D 122 -13.32 31.70 8.99
N ALA D 123 -14.03 30.58 8.94
CA ALA D 123 -15.47 30.66 8.70
C ALA D 123 -16.15 31.45 9.83
N ARG D 124 -15.80 31.16 11.07
CA ARG D 124 -16.36 31.90 12.20
C ARG D 124 -16.12 33.41 12.03
N ALA D 125 -14.88 33.82 11.81
CA ALA D 125 -14.61 35.24 11.54
C ALA D 125 -15.42 35.76 10.35
N ALA D 126 -15.52 34.97 9.29
CA ALA D 126 -16.28 35.44 8.14
C ALA D 126 -17.73 35.74 8.50
N ARG D 127 -18.27 35.13 9.56
CA ARG D 127 -19.70 35.28 9.81
C ARG D 127 -20.06 36.71 10.22
N GLY D 128 -19.09 37.58 10.42
CA GLY D 128 -19.34 38.98 10.73
C GLY D 128 -19.28 39.89 9.52
N PHE D 129 -19.54 39.33 8.34
CA PHE D 129 -19.67 40.08 7.10
C PHE D 129 -20.93 39.58 6.39
N ARG D 130 -21.49 40.44 5.52
CA ARG D 130 -22.69 40.04 4.81
C ARG D 130 -22.38 39.27 3.53
N LYS D 131 -21.30 39.63 2.83
CA LYS D 131 -20.97 39.01 1.55
C LYS D 131 -19.55 38.45 1.62
N VAL D 132 -19.44 37.12 1.55
CA VAL D 132 -18.20 36.40 1.86
C VAL D 132 -17.85 35.52 0.67
N GLY D 133 -16.58 35.56 0.26
CA GLY D 133 -16.09 34.65 -0.78
C GLY D 133 -15.10 33.62 -0.21
N LEU D 134 -14.88 32.55 -0.98
CA LEU D 134 -13.88 31.52 -0.67
C LEU D 134 -13.03 31.23 -1.90
N ILE D 135 -11.72 31.18 -1.72
CA ILE D 135 -10.83 30.63 -2.72
C ILE D 135 -10.07 29.49 -2.04
N GLY D 136 -9.75 28.45 -2.82
CA GLY D 136 -8.99 27.29 -2.34
C GLY D 136 -8.72 26.31 -3.48
N THR D 137 -8.26 25.11 -3.14
CA THR D 137 -8.11 24.04 -4.13
C THR D 137 -9.47 23.60 -4.66
N GLN D 138 -9.42 22.85 -5.76
CA GLN D 138 -10.60 22.14 -6.25
C GLN D 138 -11.30 21.34 -5.13
N ALA D 139 -10.55 20.43 -4.47
CA ALA D 139 -11.16 19.61 -3.42
C ALA D 139 -11.85 20.47 -2.35
N THR D 140 -11.17 21.53 -1.89
CA THR D 140 -11.72 22.35 -0.84
C THR D 140 -13.02 23.03 -1.27
N VAL D 141 -13.04 23.61 -2.48
CA VAL D 141 -14.22 24.39 -2.86
C VAL D 141 -15.38 23.43 -3.15
N GLU D 142 -15.08 22.26 -3.74
CA GLU D 142 -16.11 21.25 -4.05
C GLU D 142 -16.60 20.48 -2.82
N SER D 143 -15.93 20.58 -1.69
CA SER D 143 -16.26 19.73 -0.55
C SER D 143 -17.55 20.13 0.17
N GLY D 144 -17.92 21.40 0.13
CA GLY D 144 -18.98 21.85 1.00
C GLY D 144 -18.56 22.11 2.42
N ALA D 145 -17.27 21.97 2.74
CA ALA D 145 -16.86 22.14 4.14
C ALA D 145 -17.17 23.55 4.64
N TYR D 146 -16.85 24.59 3.85
CA TYR D 146 -17.04 25.95 4.34
C TYR D 146 -18.52 26.34 4.48
N PRO D 147 -19.40 26.05 3.51
CA PRO D 147 -20.84 26.31 3.73
C PRO D 147 -21.43 25.74 5.01
N ARG D 148 -20.85 24.69 5.58
CA ARG D 148 -21.34 24.16 6.85
C ARG D 148 -21.27 25.19 7.95
N TYR D 149 -20.37 26.15 7.81
CA TYR D 149 -20.07 27.09 8.88
C TYR D 149 -20.36 28.53 8.53
N VAL D 150 -20.49 28.87 7.26
CA VAL D 150 -20.68 30.26 6.85
C VAL D 150 -21.36 30.24 5.50
N ASP D 151 -22.28 31.18 5.29
CA ASP D 151 -22.92 31.33 3.98
C ASP D 151 -21.98 32.05 3.03
N LEU D 152 -21.81 31.47 1.85
CA LEU D 152 -20.89 31.98 0.84
C LEU D 152 -21.67 32.55 -0.33
N ALA D 153 -21.29 33.76 -0.73
CA ALA D 153 -21.79 34.39 -1.94
C ALA D 153 -21.07 33.90 -3.20
N TRP D 154 -19.82 33.45 -3.06
CA TRP D 154 -18.98 33.14 -4.21
C TRP D 154 -17.83 32.24 -3.77
N ALA D 155 -17.44 31.31 -4.64
CA ALA D 155 -16.35 30.40 -4.30
C ALA D 155 -15.67 29.97 -5.60
N LYS D 156 -14.34 29.97 -5.59
CA LYS D 156 -13.57 29.74 -6.80
C LYS D 156 -12.30 28.93 -6.52
N ALA D 157 -12.17 27.78 -7.17
CA ALA D 157 -10.92 27.02 -7.15
C ALA D 157 -9.82 27.78 -7.90
N CYS D 158 -8.61 27.89 -7.31
CA CYS D 158 -7.52 28.65 -7.93
C CYS D 158 -6.23 27.83 -8.07
N PRO D 159 -6.22 26.84 -8.97
CA PRO D 159 -5.14 25.83 -8.93
C PRO D 159 -3.77 26.37 -9.13
N LEU D 160 -3.60 27.43 -9.91
CA LEU D 160 -2.26 27.91 -10.20
C LEU D 160 -1.65 28.64 -9.02
N PHE D 161 -2.45 29.09 -8.05
CA PHE D 161 -1.86 29.81 -6.92
C PHE D 161 -0.79 29.01 -6.19
N VAL D 162 -0.99 27.72 -5.98
CA VAL D 162 -0.02 26.96 -5.18
C VAL D 162 1.35 26.89 -5.88
N PRO D 163 1.43 26.42 -7.13
CA PRO D 163 2.73 26.39 -7.80
C PRO D 163 3.36 27.77 -7.97
N LEU D 164 2.55 28.82 -8.15
CA LEU D 164 3.10 30.17 -8.27
C LEU D 164 3.85 30.53 -7.02
N VAL D 165 3.27 30.21 -5.86
CA VAL D 165 3.95 30.43 -4.60
C VAL D 165 5.18 29.54 -4.47
N GLU D 166 5.06 28.25 -4.83
CA GLU D 166 6.20 27.38 -4.58
C GLU D 166 7.38 27.72 -5.50
N GLU D 167 7.10 28.32 -6.63
CA GLU D 167 8.14 28.85 -7.51
C GLU D 167 8.62 30.25 -7.13
N GLY D 168 8.11 30.83 -6.05
CA GLY D 168 8.67 32.07 -5.56
C GLY D 168 8.23 33.33 -6.26
N LEU D 169 7.10 33.30 -6.97
CA LEU D 169 6.69 34.35 -7.88
C LEU D 169 5.53 35.20 -7.34
N TRP D 170 5.32 35.26 -6.03
CA TRP D 170 4.15 35.96 -5.52
C TRP D 170 4.20 37.48 -5.76
N ASP D 171 5.39 38.07 -5.92
CA ASP D 171 5.52 39.49 -6.19
C ASP D 171 5.77 39.81 -7.66
N ASP D 172 5.65 38.89 -8.50
CA ASP D 172 5.88 39.04 -9.92
C ASP D 172 4.58 39.45 -10.61
N PRO D 173 4.61 40.23 -11.69
CA PRO D 173 3.33 40.53 -12.37
C PRO D 173 2.62 39.30 -12.90
N VAL D 174 3.30 38.16 -13.11
CA VAL D 174 2.52 36.96 -13.43
C VAL D 174 1.49 36.71 -12.34
N ALA D 175 1.86 36.93 -11.08
CA ALA D 175 0.92 36.70 -9.97
C ALA D 175 -0.29 37.62 -10.07
N LEU D 176 -0.07 38.91 -10.33
CA LEU D 176 -1.18 39.83 -10.54
C LEU D 176 -2.05 39.40 -11.72
N LEU D 177 -1.43 38.93 -12.80
CA LEU D 177 -2.20 38.48 -13.95
C LEU D 177 -3.01 37.22 -13.65
N VAL D 178 -2.43 36.28 -12.89
CA VAL D 178 -3.15 35.05 -12.55
C VAL D 178 -4.27 35.36 -11.55
N ALA D 179 -3.99 36.25 -10.61
CA ALA D 179 -5.03 36.69 -9.69
C ALA D 179 -6.19 37.31 -10.46
N ARG D 180 -5.91 38.10 -11.50
CA ARG D 180 -6.99 38.67 -12.28
C ARG D 180 -7.80 37.59 -12.95
N HIS D 181 -7.11 36.62 -13.52
CA HIS D 181 -7.79 35.52 -14.19
C HIS D 181 -8.76 34.79 -13.26
N TYR D 182 -8.41 34.64 -11.98
CA TYR D 182 -9.28 33.86 -11.08
C TYR D 182 -10.35 34.72 -10.41
N LEU D 183 -10.00 35.96 -10.05
CA LEU D 183 -10.80 36.78 -9.16
C LEU D 183 -11.64 37.84 -9.87
N GLU D 184 -11.43 38.07 -11.18
CA GLU D 184 -12.11 39.18 -11.86
C GLU D 184 -13.62 39.10 -11.67
N ASP D 185 -14.21 37.93 -11.89
CA ASP D 185 -15.66 37.76 -11.89
C ASP D 185 -16.25 37.58 -10.48
N ALA D 186 -15.53 37.95 -9.43
CA ALA D 186 -16.13 37.92 -8.12
C ALA D 186 -17.09 39.11 -7.92
N PRO D 187 -18.15 38.92 -7.13
CA PRO D 187 -19.12 40.02 -6.90
C PRO D 187 -18.46 41.33 -6.50
N LYS D 188 -18.94 42.45 -7.07
CA LYS D 188 -18.58 43.76 -6.49
C LYS D 188 -19.06 43.85 -5.05
N ASP D 189 -20.10 43.09 -4.69
CA ASP D 189 -20.59 42.92 -3.31
C ASP D 189 -19.51 42.67 -2.26
N LEU D 190 -18.51 41.85 -2.59
CA LEU D 190 -17.77 41.11 -1.57
C LEU D 190 -17.17 42.02 -0.51
N GLU D 191 -17.43 41.68 0.75
CA GLU D 191 -16.76 42.33 1.88
C GLU D 191 -15.61 41.53 2.45
N ALA D 192 -15.60 40.19 2.31
CA ALA D 192 -14.52 39.39 2.87
C ALA D 192 -14.25 38.20 1.95
N LEU D 193 -12.99 37.77 1.97
CA LEU D 193 -12.53 36.61 1.19
C LEU D 193 -11.72 35.70 2.10
N ILE D 194 -12.12 34.42 2.19
CA ILE D 194 -11.38 33.43 2.95
C ILE D 194 -10.22 32.94 2.08
N LEU D 195 -8.98 33.13 2.56
CA LEU D 195 -7.79 32.54 1.92
C LEU D 195 -7.70 31.09 2.40
N GLY D 196 -8.55 30.27 1.80
CA GLY D 196 -8.74 28.89 2.23
C GLY D 196 -7.74 27.90 1.64
N CYS D 197 -6.45 28.22 1.72
CA CYS D 197 -5.37 27.36 1.26
C CYS D 197 -4.10 27.77 1.98
N THR D 198 -3.25 26.80 2.38
CA THR D 198 -2.02 27.05 3.16
C THR D 198 -1.13 28.10 2.50
N HIS D 199 -1.11 28.13 1.18
CA HIS D 199 -0.15 28.92 0.44
C HIS D 199 -0.62 30.36 0.24
N TYR D 200 -1.90 30.67 0.44
CA TYR D 200 -2.39 31.97 -0.01
C TYR D 200 -1.94 33.18 0.81
N PRO D 201 -1.55 33.07 2.08
CA PRO D 201 -0.91 34.24 2.73
C PRO D 201 0.26 34.84 1.94
N PHE D 202 1.00 34.05 1.14
CA PHE D 202 2.10 34.60 0.36
C PHE D 202 1.60 35.53 -0.74
N LEU D 203 0.33 35.41 -1.11
CA LEU D 203 -0.24 36.18 -2.21
C LEU D 203 -1.16 37.32 -1.75
N LYS D 204 -1.07 37.75 -0.49
CA LYS D 204 -1.95 38.85 -0.04
C LYS D 204 -1.73 40.11 -0.86
N GLY D 205 -0.48 40.41 -1.20
CA GLY D 205 -0.20 41.53 -2.08
C GLY D 205 -1.02 41.48 -3.35
N ALA D 206 -0.78 40.46 -4.18
CA ALA D 206 -1.48 40.42 -5.45
C ALA D 206 -2.99 40.32 -5.27
N ILE D 207 -3.46 39.49 -4.33
CA ILE D 207 -4.89 39.34 -4.17
C ILE D 207 -5.51 40.67 -3.78
N GLY D 208 -4.84 41.40 -2.89
CA GLY D 208 -5.41 42.65 -2.41
C GLY D 208 -5.38 43.72 -3.50
N ALA D 209 -4.34 43.73 -4.33
CA ALA D 209 -4.28 44.68 -5.44
C ALA D 209 -5.45 44.49 -6.36
N VAL D 210 -5.86 43.24 -6.56
CA VAL D 210 -6.97 42.94 -7.48
C VAL D 210 -8.33 43.09 -6.82
N LEU D 211 -8.42 43.05 -5.49
CA LEU D 211 -9.71 43.13 -4.80
C LEU D 211 -9.59 44.16 -3.69
N PRO D 212 -9.29 45.41 -4.07
CA PRO D 212 -9.20 46.48 -3.08
C PRO D 212 -10.48 46.55 -2.26
N GLY D 213 -10.31 46.84 -0.96
CA GLY D 213 -11.44 46.95 -0.06
C GLY D 213 -11.82 45.67 0.67
N VAL D 214 -11.63 44.50 0.04
CA VAL D 214 -12.09 43.23 0.58
C VAL D 214 -11.17 42.78 1.71
N ALA D 215 -11.77 42.44 2.85
CA ALA D 215 -11.01 41.90 3.97
C ALA D 215 -10.51 40.49 3.63
N LEU D 216 -9.24 40.24 3.86
CA LEU D 216 -8.64 38.95 3.52
C LEU D 216 -8.45 38.16 4.80
N LEU D 217 -9.10 37.01 4.88
CA LEU D 217 -9.08 36.22 6.10
C LEU D 217 -8.04 35.10 5.97
N ASP D 218 -7.03 35.16 6.84
CA ASP D 218 -5.82 34.33 6.79
C ASP D 218 -6.04 33.09 7.68
N SER D 219 -6.08 31.92 7.04
CA SER D 219 -6.33 30.65 7.74
C SER D 219 -5.33 30.41 8.85
N ALA D 220 -4.06 30.69 8.58
CA ALA D 220 -3.03 30.38 9.56
C ALA D 220 -3.16 31.23 10.82
N GLU D 221 -3.40 32.53 10.67
CA GLU D 221 -3.41 33.38 11.85
C GLU D 221 -4.62 33.10 12.72
N LEU D 222 -5.78 32.96 12.10
CA LEU D 222 -7.02 32.72 12.83
C LEU D 222 -7.05 31.32 13.47
N THR D 223 -6.40 30.31 12.86
CA THR D 223 -6.32 29.01 13.51
C THR D 223 -5.30 29.05 14.63
N ALA D 224 -4.17 29.74 14.44
CA ALA D 224 -3.17 29.81 15.51
C ALA D 224 -3.76 30.44 16.76
N GLN D 225 -4.58 31.45 16.59
CA GLN D 225 -5.24 32.10 17.69
C GLN D 225 -6.12 31.11 18.42
N GLU D 226 -6.95 30.40 17.69
CA GLU D 226 -7.87 29.44 18.30
C GLU D 226 -7.11 28.32 19.02
N VAL D 227 -6.04 27.78 18.43
CA VAL D 227 -5.25 26.75 19.11
C VAL D 227 -4.71 27.27 20.43
N ALA D 228 -4.04 28.45 20.40
CA ALA D 228 -3.46 28.99 21.62
C ALA D 228 -4.54 29.22 22.67
N ARG D 229 -5.70 29.74 22.26
CA ARG D 229 -6.76 29.97 23.23
C ARG D 229 -7.24 28.67 23.84
N ALA D 230 -7.64 27.70 23.00
CA ALA D 230 -8.27 26.47 23.46
C ALA D 230 -7.32 25.66 24.33
N LEU D 231 -6.04 25.65 23.98
CA LEU D 231 -5.10 24.85 24.76
C LEU D 231 -4.83 25.48 26.11
N GLU D 232 -4.73 26.81 26.16
CA GLU D 232 -4.69 27.51 27.45
C GLU D 232 -5.92 27.16 28.28
N ALA D 233 -7.10 27.31 27.68
CA ALA D 233 -8.34 27.01 28.39
C ALA D 233 -8.33 25.62 29.02
N GLU D 234 -7.59 24.68 28.46
CA GLU D 234 -7.67 23.30 28.93
C GLU D 234 -6.48 22.90 29.81
N GLY D 235 -5.60 23.84 30.13
CA GLY D 235 -4.42 23.54 30.90
C GLY D 235 -3.41 22.68 30.18
N LEU D 236 -3.31 22.80 28.87
CA LEU D 236 -2.45 21.87 28.14
C LEU D 236 -1.16 22.50 27.68
N LEU D 237 -0.97 23.80 27.90
CA LEU D 237 0.27 24.46 27.52
C LEU D 237 1.37 24.20 28.54
N ASN D 238 2.61 24.35 28.09
CA ASN D 238 3.79 24.07 28.91
C ASN D 238 4.57 25.36 29.13
N PRO D 239 4.38 26.05 30.26
CA PRO D 239 5.07 27.34 30.45
C PRO D 239 6.57 27.21 30.61
N GLU D 240 7.07 26.02 30.94
CA GLU D 240 8.49 25.78 31.20
C GLU D 240 9.21 25.20 29.98
N GLY D 241 8.56 25.16 28.83
CA GLY D 241 9.14 24.47 27.70
C GLY D 241 10.21 25.28 27.00
N ARG D 242 11.05 24.55 26.26
CA ARG D 242 11.97 25.14 25.28
C ARG D 242 11.41 24.88 23.88
N GLY D 243 11.16 25.94 23.14
CA GLY D 243 10.48 25.81 21.85
C GLY D 243 11.40 25.23 20.79
N ARG D 244 10.89 24.24 20.06
CA ARG D 244 11.64 23.68 18.96
C ARG D 244 10.67 22.94 18.06
N THR D 245 11.10 22.71 16.82
CA THR D 245 10.34 21.99 15.80
C THR D 245 11.14 20.85 15.23
N PHE D 246 10.49 19.70 15.10
CA PHE D 246 11.04 18.58 14.34
C PHE D 246 10.13 18.33 13.15
N HIS D 247 10.75 18.09 11.99
CA HIS D 247 10.07 17.91 10.73
C HIS D 247 10.16 16.44 10.32
N LEU D 248 9.05 15.89 9.83
CA LEU D 248 8.91 14.52 9.42
C LEU D 248 8.24 14.57 8.06
N VAL D 249 8.84 13.95 7.05
CA VAL D 249 8.26 13.97 5.71
C VAL D 249 8.25 12.58 5.10
N THR D 250 7.32 12.38 4.16
CA THR D 250 7.23 11.07 3.51
C THR D 250 8.04 10.99 2.22
N GLY D 251 8.41 12.11 1.64
CA GLY D 251 9.27 12.11 0.49
C GLY D 251 10.71 12.45 0.88
N ASP D 252 11.43 13.02 -0.05
CA ASP D 252 12.87 13.21 0.16
C ASP D 252 13.14 14.36 1.11
N PRO D 253 13.93 14.17 2.16
CA PRO D 253 14.12 15.28 3.12
C PRO D 253 14.84 16.48 2.55
N GLU D 254 15.79 16.29 1.66
CA GLU D 254 16.53 17.45 1.14
C GLU D 254 15.70 18.25 0.16
N ALA D 255 14.91 17.58 -0.66
CA ALA D 255 13.95 18.31 -1.50
C ALA D 255 13.01 19.19 -0.65
N TYR D 256 12.48 18.65 0.43
CA TYR D 256 11.64 19.44 1.31
C TYR D 256 12.40 20.63 1.85
N ARG D 257 13.62 20.41 2.28
CA ARG D 257 14.37 21.47 2.96
C ARG D 257 14.64 22.60 2.00
N ALA D 258 14.89 22.27 0.74
CA ALA D 258 15.16 23.30 -0.26
C ALA D 258 13.90 24.12 -0.56
N LEU D 259 12.75 23.45 -0.71
CA LEU D 259 11.52 24.17 -0.97
C LEU D 259 11.14 25.03 0.22
N ALA D 260 11.31 24.51 1.44
CA ALA D 260 11.00 25.30 2.63
C ALA D 260 11.85 26.57 2.66
N GLU D 261 13.13 26.46 2.30
CA GLU D 261 13.98 27.64 2.29
C GLU D 261 13.47 28.68 1.31
N ARG D 262 12.99 28.24 0.14
CA ARG D 262 12.42 29.18 -0.83
C ARG D 262 11.21 29.92 -0.28
N LEU D 263 10.50 29.35 0.69
CA LEU D 263 9.39 30.05 1.32
C LEU D 263 9.80 30.67 2.64
N GLY D 264 11.10 30.80 2.87
CA GLY D 264 11.56 31.51 4.05
C GLY D 264 11.55 30.74 5.35
N GLU D 265 11.63 29.41 5.32
CA GLU D 265 11.65 28.61 6.54
C GLU D 265 12.96 27.82 6.62
N ARG D 266 13.67 27.99 7.73
CA ARG D 266 14.92 27.25 7.94
C ARG D 266 14.54 25.93 8.59
N VAL D 267 14.76 24.83 7.88
CA VAL D 267 14.40 23.52 8.40
C VAL D 267 15.66 22.92 9.04
N GLU D 268 15.64 22.80 10.36
CA GLU D 268 16.82 22.33 11.08
C GLU D 268 16.85 20.81 11.14
N ALA D 269 15.89 20.20 11.80
CA ALA D 269 15.89 18.74 11.90
C ALA D 269 14.74 18.18 11.07
N VAL D 270 15.06 17.29 10.13
CA VAL D 270 14.11 16.61 9.24
C VAL D 270 14.51 15.16 9.12
N ARG D 271 13.53 14.30 9.13
CA ARG D 271 13.70 12.87 9.00
C ARG D 271 12.67 12.38 7.99
N ARG D 272 13.01 11.41 7.15
CA ARG D 272 12.00 10.75 6.30
C ARG D 272 11.31 9.64 7.04
N VAL D 273 9.98 9.67 6.97
CA VAL D 273 9.11 8.67 7.58
C VAL D 273 8.57 7.81 6.46
N SER D 274 8.70 6.52 6.61
CA SER D 274 8.21 5.62 5.57
C SER D 274 6.69 5.70 5.51
N LEU D 275 6.16 5.76 4.28
CA LEU D 275 4.73 5.48 4.10
C LEU D 275 4.39 4.06 4.60
N GLU D 276 5.41 3.23 4.89
CA GLU D 276 5.21 1.95 5.56
C GLU D 276 4.92 2.09 7.06
N GLU D 277 5.53 3.10 7.74
CA GLU D 277 5.32 3.43 9.15
C GLU D 277 3.92 3.95 9.42
N LEU D 278 3.10 4.04 8.38
CA LEU D 278 1.76 4.53 8.45
C LEU D 278 0.83 3.34 8.21
N DGL E . -7.30 -13.90 16.00
CA DGL E . -5.95 -14.30 16.38
C DGL E . -5.79 -14.20 17.85
O DGL E . -4.67 -14.18 18.39
CB DGL E . -5.65 -15.72 15.94
CG DGL E . -5.41 -15.84 14.41
CD DGL E . -4.28 -14.94 13.95
OE1 DGL E . -4.57 -13.90 13.30
OE2 DGL E . -3.10 -15.26 14.26
OXT DGL E . -6.84 -14.21 18.50
H2 DGL E . -7.61 -14.02 15.10
H DGL E . -7.64 -13.30 16.51
HA DGL E . -5.31 -13.70 15.95
HB2 DGL E . -6.41 -16.29 16.17
HB3 DGL E . -4.85 -16.04 16.39
HG2 DGL E . -6.22 -15.57 13.94
HG3 DGL E . -5.19 -16.76 14.19
N NO3 F . -10.09 -16.51 7.60
O1 NO3 F . -9.29 -16.63 6.64
O2 NO3 F . -11.32 -16.38 7.32
O3 NO3 F . -9.63 -16.56 8.78
N NO3 G . -0.47 -9.59 4.31
O1 NO3 G . -0.53 -10.72 4.89
O2 NO3 G . -0.84 -9.49 3.07
O3 NO3 G . -0.02 -8.61 4.98
N NO3 H . 6.99 -3.61 11.48
O1 NO3 H . 7.93 -4.18 12.13
O2 NO3 H . 6.52 -4.08 10.41
O3 NO3 H . 6.53 -2.51 11.89
N NO3 I . -15.41 -18.10 31.58
O1 NO3 I . -14.23 -18.26 31.19
O2 NO3 I . -16.38 -18.15 30.74
O3 NO3 I . -15.60 -17.88 32.82
N NO3 J . -2.50 -11.26 40.04
O1 NO3 J . -1.83 -10.28 39.57
O2 NO3 J . -2.19 -12.45 39.70
O3 NO3 J . -3.47 -11.04 40.85
CL CL K . 1.47 -18.24 16.24
N DGL L . 5.54 -21.76 0.06
CA DGL L . 4.14 -22.24 -0.03
C DGL L . 3.97 -23.27 -1.14
O DGL L . 2.82 -23.47 -1.58
CB DGL L . 3.65 -22.79 1.34
CG DGL L . 3.52 -21.68 2.39
CD DGL L . 2.50 -20.64 1.97
OE1 DGL L . 2.87 -19.45 1.64
OE2 DGL L . 1.31 -21.02 1.92
OXT DGL L . 4.94 -23.88 -1.67
H2 DGL L . 5.83 -21.22 0.80
H DGL L . 6.09 -22.20 -0.44
HA DGL L . 3.58 -21.48 -0.25
HB2 DGL L . 4.30 -23.44 1.66
HB3 DGL L . 2.78 -23.20 1.22
HG2 DGL L . 4.38 -21.24 2.49
HG3 DGL L . 3.23 -22.07 3.23
N NO3 M . 8.33 -17.58 7.52
O1 NO3 M . 9.56 -17.22 7.63
O2 NO3 M . 7.95 -18.53 6.78
O3 NO3 M . 7.47 -16.99 8.21
N NO3 N . -7.59 -10.26 -5.28
O1 NO3 N . -7.12 -10.06 -6.44
O2 NO3 N . -8.54 -11.09 -5.13
O3 NO3 N . -7.14 -9.60 -4.31
CL CL O . -3.71 -24.12 2.35
CL CL P . 23.96 -16.78 4.83
N DGL Q . 3.87 13.52 -17.57
CA DGL Q . 4.90 14.24 -16.81
C DGL Q . 6.14 14.37 -17.68
O DGL Q . 6.05 14.15 -18.90
CB DGL Q . 4.40 15.62 -16.40
CG DGL Q . 3.43 15.60 -15.23
CD DGL Q . 4.02 14.96 -13.98
OE1 DGL Q . 4.89 15.61 -13.31
OE2 DGL Q . 3.62 13.81 -13.67
OXT DGL Q . 7.23 14.70 -17.17
H2 DGL Q . 2.96 13.53 -17.27
H DGL Q . 4.04 13.43 -18.41
HA DGL Q . 5.12 13.73 -16.01
HB2 DGL Q . 3.93 16.01 -17.16
HB3 DGL Q . 5.15 16.17 -16.16
HG2 DGL Q . 2.64 15.09 -15.48
HG3 DGL Q . 3.17 16.52 -15.02
N NO3 R . 0.52 9.71 -4.30
O1 NO3 R . 1.51 8.92 -4.42
O2 NO3 R . -0.60 9.39 -3.71
O3 NO3 R . 0.67 10.88 -4.74
N NO3 S . -10.30 -2.05 -20.25
O1 NO3 S . -9.89 -3.06 -19.59
O2 NO3 S . -9.86 -1.86 -21.40
O3 NO3 S . -11.14 -1.25 -19.77
N NO3 T . -4.74 14.30 -14.39
O1 NO3 T . -3.59 14.57 -14.90
O2 NO3 T . -5.64 13.69 -15.05
O3 NO3 T . -5.04 14.68 -13.23
N NO3 U . 11.87 6.42 -2.83
O1 NO3 U . 12.26 5.49 -3.58
O2 NO3 U . 10.73 6.37 -2.32
O3 NO3 U . 12.68 7.37 -2.58
N NO3 V . 15.79 -4.33 -25.20
O1 NO3 V . 16.28 -5.51 -25.15
O2 NO3 V . 14.73 -4.12 -25.88
O3 NO3 V . 16.37 -3.38 -24.57
CL CL W . 8.70 19.76 -11.70
CL CL X . -2.85 36.97 -19.00
CL CL Y . 25.82 14.33 -28.53
N DGL Z . -2.12 22.29 1.59
CA DGL Z . -3.15 22.39 0.57
C DGL Z . -4.29 23.27 1.06
O DGL Z . -4.18 23.97 2.08
CB DGL Z . -2.55 22.99 -0.72
CG DGL Z . -1.61 22.11 -1.42
CD DGL Z . -2.24 20.76 -1.78
OE1 DGL Z . -3.07 20.72 -2.70
OE2 DGL Z . -1.88 19.74 -1.15
OXT DGL Z . -5.37 23.25 0.47
H2 DGL Z . -1.22 22.03 1.36
H DGL Z . -2.25 22.79 2.28
HA DGL Z . -3.50 21.52 0.37
HB2 DGL Z . -2.07 23.80 -0.49
HB3 DGL Z . -3.27 23.20 -1.33
HG2 DGL Z . -0.84 21.94 -0.85
HG3 DGL Z . -1.33 22.54 -2.25
N NO3 AA . 11.47 12.79 15.10
O1 NO3 AA . 12.40 12.74 14.25
O2 NO3 AA . 10.90 11.74 15.52
O3 NO3 AA . 11.08 13.88 15.55
N NO3 BA . 6.40 19.85 -0.76
O1 NO3 BA . 6.60 19.15 -1.81
O2 NO3 BA . 5.33 20.55 -0.65
O3 NO3 BA . 7.30 19.85 0.11
N NO3 CA . -11.17 7.49 -3.29
O1 NO3 CA . -10.06 6.93 -3.51
O2 NO3 CA . -11.89 7.90 -4.23
O3 NO3 CA . -11.61 7.63 -2.13
N NO3 DA . -23.53 32.97 8.17
O1 NO3 DA . -23.13 34.17 7.99
O2 NO3 DA . -23.68 32.20 7.17
O3 NO3 DA . -23.80 32.53 9.34
CL CL EA . -6.45 22.61 -7.03
CL CL FA . -5.64 5.65 0.51
#